data_3LGG
#
_entry.id   3LGG
#
_cell.length_a   63.249
_cell.length_b   72.993
_cell.length_c   80.537
_cell.angle_alpha   113.55
_cell.angle_beta   94.89
_cell.angle_gamma   91.53
#
_symmetry.space_group_name_H-M   'P 1'
#
loop_
_entity.id
_entity.type
_entity.pdbx_description
1 polymer 'Adenosine deaminase CECR1'
2 non-polymer 2-acetamido-2-deoxy-beta-D-glucopyranose
3 non-polymer 'ZINC ION'
4 non-polymer (8R)-3-beta-D-ribofuranosyl-3,6,7,8-tetrahydroimidazo[4,5-d][1,3]diazepin-8-ol
5 water water
#
_entity_poly.entity_id   1
_entity_poly.type   'polypeptide(L)'
_entity_poly.pdbx_seq_one_letter_code
;GGSIDETRAHLLLKEKMMRLGGRLVLNTKEELANERLMTLKIAEMKEAMRTLIFPPSMHFFQAKHLIERSQVFNILRMMP
KGAALHLHDIGIVTMDWLVRNVTYRPHCHICFTPRGIMQFRFAHPTPRPSEKCSKWILLEDYRKRVQNVTEFDDSLLRNF
TLVTQHPEVIYTNQNVVWSKFETIFFTISGLIHYAPVFRDYVFRSMQEFYEDNVLYMEIRARLLPVYELSGEHHDEEWSV
KTYQEVAQKFVETHPEFIGIKIIYSDHRSKDVAVIAESIRMAMGLRIKFPTVVAGFDLVGHEDTGHSLHDYKEALMIPAK
DGVKLPYFFHAGETDWQGTSIDRNILDALMLNTTRIGHGFALSKHPAVRTYSWKKDIPIEVCPISNQVLKLVSDLRNHPV
ATLMATGHPMVISSDDPAMFGAKGLSYDFYEVFMGIGGMKADLRTLKQLAMNSIKYSTLLESEKNTFMEIWKKRWDKFIA
DVATKGSLHHILDAQKMVWNHRHHHHHH
;
_entity_poly.pdbx_strand_id   A,B
#
# COMPACT_ATOMS: atom_id res chain seq x y z
N SER A 3 31.17 18.33 -5.84
CA SER A 3 30.53 18.92 -4.64
C SER A 3 29.03 18.64 -4.58
N ILE A 4 28.37 18.64 -5.74
CA ILE A 4 27.00 18.13 -5.85
C ILE A 4 27.08 16.60 -5.79
N ASP A 5 28.12 16.04 -6.40
CA ASP A 5 28.43 14.61 -6.29
C ASP A 5 28.58 14.17 -4.84
N GLU A 6 29.14 15.06 -4.04
CA GLU A 6 29.37 14.81 -2.64
C GLU A 6 28.08 14.86 -1.83
N THR A 7 27.20 15.79 -2.18
CA THR A 7 25.87 15.88 -1.56
C THR A 7 25.08 14.61 -1.84
N ARG A 8 25.15 14.14 -3.09
CA ARG A 8 24.49 12.93 -3.51
C ARG A 8 25.00 11.71 -2.74
N ALA A 9 26.32 11.58 -2.65
CA ALA A 9 26.96 10.46 -1.97
C ALA A 9 26.68 10.48 -0.48
N HIS A 10 26.54 11.68 0.06
CA HIS A 10 26.28 11.88 1.49
C HIS A 10 24.86 11.41 1.87
N LEU A 11 23.90 11.74 1.02
CA LEU A 11 22.50 11.34 1.21
C LEU A 11 22.32 9.83 1.11
N LEU A 12 23.03 9.21 0.17
CA LEU A 12 23.02 7.76 0.04
C LEU A 12 23.65 7.06 1.25
N LEU A 13 24.75 7.62 1.77
CA LEU A 13 25.42 7.04 2.93
C LEU A 13 24.59 7.21 4.18
N LYS A 14 23.93 8.36 4.31
CA LYS A 14 23.02 8.61 5.43
C LYS A 14 21.90 7.57 5.45
N GLU A 15 21.29 7.31 4.30
CA GLU A 15 20.23 6.30 4.20
C GLU A 15 20.73 4.89 4.43
N LYS A 16 21.97 4.62 4.00
CA LYS A 16 22.63 3.34 4.28
C LYS A 16 22.79 3.15 5.78
N MET A 17 23.10 4.25 6.48
CA MET A 17 23.39 4.21 7.91
C MET A 17 22.14 4.14 8.80
N MET A 18 21.06 4.84 8.42
CA MET A 18 19.87 4.85 9.26
C MET A 18 18.87 3.71 9.02
N ARG A 19 18.99 2.96 7.93
CA ARG A 19 18.12 1.81 7.75
C ARG A 19 18.46 0.71 8.74
N LEU A 20 17.51 -0.21 8.94
CA LEU A 20 17.60 -1.21 9.97
C LEU A 20 18.86 -2.06 9.81
N GLY A 21 19.68 -2.05 10.86
CA GLY A 21 20.93 -2.80 10.89
C GLY A 21 22.11 -2.12 10.22
N GLY A 22 21.88 -0.93 9.68
CA GLY A 22 22.87 -0.22 8.88
C GLY A 22 24.19 0.12 9.56
N ARG A 23 24.20 0.11 10.89
CA ARG A 23 25.40 0.43 11.65
C ARG A 23 26.11 -0.77 12.27
N LEU A 24 25.55 -1.96 12.05
CA LEU A 24 26.23 -3.20 12.45
C LEU A 24 27.51 -3.36 11.65
N VAL A 25 28.59 -3.67 12.38
CA VAL A 25 29.88 -3.92 11.75
C VAL A 25 30.00 -5.40 11.42
N LEU A 26 30.21 -5.69 10.15
CA LEU A 26 30.44 -7.05 9.66
C LEU A 26 31.92 -7.43 9.69
N ASN A 27 32.23 -8.67 10.07
CA ASN A 27 33.59 -9.19 9.91
C ASN A 27 33.80 -9.71 8.49
N THR A 28 35.03 -10.06 8.15
CA THR A 28 35.37 -10.35 6.74
C THR A 28 34.66 -11.60 6.22
N LYS A 29 34.38 -12.52 7.13
CA LYS A 29 33.61 -13.73 6.82
C LYS A 29 32.17 -13.37 6.47
N GLU A 30 31.56 -12.50 7.29
CA GLU A 30 30.20 -12.00 7.07
C GLU A 30 30.09 -11.15 5.81
N GLU A 31 31.11 -10.33 5.55
CA GLU A 31 31.18 -9.54 4.31
C GLU A 31 31.14 -10.44 3.09
N LEU A 32 31.81 -11.59 3.20
CA LEU A 32 31.86 -12.57 2.11
C LEU A 32 30.52 -13.26 1.90
N ALA A 33 29.85 -13.61 3.00
CA ALA A 33 28.52 -14.20 2.96
C ALA A 33 27.50 -13.19 2.42
N ASN A 34 27.61 -11.94 2.87
CA ASN A 34 26.77 -10.87 2.37
C ASN A 34 26.91 -10.68 0.86
N GLU A 35 28.14 -10.70 0.37
CA GLU A 35 28.43 -10.55 -1.06
C GLU A 35 27.78 -11.64 -1.90
N ARG A 36 27.82 -12.88 -1.41
CA ARG A 36 27.21 -14.00 -2.12
C ARG A 36 25.69 -13.97 -1.98
N LEU A 37 25.21 -13.63 -0.80
CA LEU A 37 23.78 -13.40 -0.57
C LEU A 37 23.20 -12.29 -1.47
N MET A 38 23.84 -11.11 -1.49
CA MET A 38 23.37 -9.98 -2.30
C MET A 38 23.40 -10.23 -3.82
N THR A 39 24.41 -10.96 -4.29
CA THR A 39 24.48 -11.39 -5.69
C THR A 39 23.24 -12.19 -6.06
N LEU A 40 22.86 -13.14 -5.20
CA LEU A 40 21.69 -13.98 -5.45
C LEU A 40 20.38 -13.17 -5.40
N LYS A 41 20.33 -12.21 -4.48
CA LYS A 41 19.18 -11.33 -4.30
C LYS A 41 19.01 -10.41 -5.52
N ILE A 42 20.07 -9.70 -5.88
CA ILE A 42 20.05 -8.81 -7.04
C ILE A 42 19.64 -9.51 -8.35
N ALA A 43 20.23 -10.67 -8.64
CA ALA A 43 19.87 -11.47 -9.81
C ALA A 43 18.38 -11.84 -9.83
N GLU A 44 17.85 -12.18 -8.66
CA GLU A 44 16.46 -12.58 -8.54
C GLU A 44 15.55 -11.38 -8.79
N MET A 45 15.96 -10.23 -8.27
CA MET A 45 15.21 -9.00 -8.47
C MET A 45 15.28 -8.46 -9.90
N LYS A 46 16.45 -8.58 -10.53
CA LYS A 46 16.60 -8.25 -11.95
C LYS A 46 15.60 -9.01 -12.81
N GLU A 47 15.53 -10.31 -12.57
CA GLU A 47 14.62 -11.19 -13.31
C GLU A 47 13.14 -10.82 -13.07
N ALA A 48 12.79 -10.50 -11.82
CA ALA A 48 11.43 -10.08 -11.46
C ALA A 48 11.07 -8.72 -12.05
N MET A 49 12.07 -7.86 -12.21
CA MET A 49 11.89 -6.58 -12.89
C MET A 49 11.67 -6.79 -14.39
N ARG A 50 12.28 -7.83 -14.95
CA ARG A 50 12.09 -8.17 -16.35
C ARG A 50 10.68 -8.73 -16.60
N THR A 51 10.30 -9.77 -15.84
CA THR A 51 9.07 -10.53 -16.09
C THR A 51 7.87 -10.01 -15.32
N LEU A 52 8.12 -9.19 -14.29
CA LEU A 52 7.10 -8.77 -13.32
C LEU A 52 6.53 -9.90 -12.47
N ILE A 53 7.13 -11.09 -12.57
CA ILE A 53 6.84 -12.18 -11.64
C ILE A 53 7.68 -11.99 -10.39
N PHE A 54 7.12 -11.25 -9.42
CA PHE A 54 7.80 -10.91 -8.16
C PHE A 54 6.96 -11.34 -6.96
N PRO A 55 7.36 -12.44 -6.29
CA PRO A 55 6.50 -13.06 -5.26
C PRO A 55 5.88 -12.13 -4.21
N PRO A 56 6.65 -11.19 -3.58
CA PRO A 56 6.00 -10.32 -2.56
C PRO A 56 4.86 -9.47 -3.09
N SER A 57 4.88 -9.19 -4.40
CA SER A 57 3.82 -8.44 -5.05
C SER A 57 2.61 -9.29 -5.43
N MET A 58 2.75 -10.61 -5.36
CA MET A 58 1.62 -11.50 -5.63
C MET A 58 1.02 -11.94 -4.31
N HIS A 59 -0.21 -12.45 -4.38
CA HIS A 59 -0.82 -13.06 -3.21
C HIS A 59 -0.01 -14.30 -2.80
N PHE A 60 0.27 -14.41 -1.50
CA PHE A 60 1.11 -15.50 -0.98
C PHE A 60 0.65 -16.91 -1.43
N PHE A 61 -0.66 -17.12 -1.57
CA PHE A 61 -1.16 -18.42 -2.01
C PHE A 61 -0.59 -18.80 -3.37
N GLN A 62 -0.54 -17.83 -4.28
CA GLN A 62 -0.01 -18.06 -5.63
C GLN A 62 1.50 -17.95 -5.68
N ALA A 63 2.09 -17.21 -4.75
CA ALA A 63 3.53 -16.94 -4.75
C ALA A 63 4.38 -17.99 -4.03
N LYS A 64 3.74 -18.78 -3.16
CA LYS A 64 4.45 -19.73 -2.30
C LYS A 64 5.37 -20.70 -3.06
N HIS A 65 4.85 -21.35 -4.09
CA HIS A 65 5.64 -22.28 -4.91
C HIS A 65 6.85 -21.62 -5.58
N LEU A 66 6.74 -20.32 -5.89
CA LEU A 66 7.86 -19.56 -6.43
C LEU A 66 8.90 -19.21 -5.37
N ILE A 67 8.43 -18.90 -4.16
CA ILE A 67 9.32 -18.60 -3.03
C ILE A 67 10.16 -19.83 -2.67
N GLU A 68 9.54 -21.00 -2.82
CA GLU A 68 10.20 -22.27 -2.51
C GLU A 68 11.30 -22.64 -3.49
N ARG A 69 11.25 -22.07 -4.69
CA ARG A 69 12.29 -22.27 -5.72
C ARG A 69 13.41 -21.24 -5.63
N SER A 70 13.34 -20.36 -4.63
CA SER A 70 14.28 -19.24 -4.52
C SER A 70 15.51 -19.57 -3.70
N GLN A 71 16.67 -19.28 -4.29
CA GLN A 71 17.95 -19.45 -3.61
C GLN A 71 18.04 -18.58 -2.37
N VAL A 72 17.41 -17.41 -2.41
CA VAL A 72 17.33 -16.51 -1.26
C VAL A 72 16.52 -17.14 -0.11
N PHE A 73 15.33 -17.65 -0.44
CA PHE A 73 14.51 -18.38 0.52
C PHE A 73 15.33 -19.51 1.15
N ASN A 74 15.99 -20.29 0.29
CA ASN A 74 16.82 -21.39 0.73
C ASN A 74 17.82 -20.97 1.82
N ILE A 75 18.52 -19.86 1.57
CA ILE A 75 19.47 -19.30 2.52
C ILE A 75 18.77 -18.89 3.83
N LEU A 76 17.57 -18.31 3.71
CA LEU A 76 16.81 -17.85 4.87
C LEU A 76 16.27 -19.00 5.73
N ARG A 77 16.00 -20.14 5.10
CA ARG A 77 15.64 -21.37 5.82
C ARG A 77 16.76 -21.76 6.77
N MET A 78 18.00 -21.64 6.28
CA MET A 78 19.21 -22.01 7.03
C MET A 78 19.51 -21.05 8.18
N MET A 79 19.06 -19.81 8.08
CA MET A 79 19.42 -18.77 9.02
C MET A 79 18.83 -18.99 10.42
N PRO A 80 19.70 -18.94 11.45
CA PRO A 80 19.21 -18.89 12.84
C PRO A 80 18.48 -17.58 13.06
N LYS A 81 17.15 -17.65 13.14
CA LYS A 81 16.32 -16.44 13.14
C LYS A 81 16.04 -15.85 14.54
N GLY A 82 16.42 -16.60 15.56
CA GLY A 82 16.25 -16.16 16.94
C GLY A 82 14.95 -16.67 17.54
N ALA A 83 14.01 -15.76 17.75
CA ALA A 83 12.74 -16.10 18.40
C ALA A 83 11.51 -15.73 17.55
N ALA A 84 10.46 -16.53 17.70
CA ALA A 84 9.16 -16.18 17.14
C ALA A 84 8.33 -15.58 18.27
N LEU A 85 8.04 -14.28 18.15
CA LEU A 85 7.42 -13.54 19.23
C LEU A 85 5.92 -13.25 19.07
N HIS A 86 5.38 -13.43 17.85
CA HIS A 86 3.96 -13.20 17.61
C HIS A 86 3.33 -14.43 16.96
N LEU A 87 2.74 -15.28 17.79
CA LEU A 87 2.11 -16.53 17.35
C LEU A 87 0.85 -16.78 18.14
N HIS A 88 -0.05 -17.56 17.53
CA HIS A 88 -1.29 -17.95 18.21
C HIS A 88 -1.35 -19.43 18.50
N ASP A 89 -1.93 -19.77 19.65
CA ASP A 89 -2.01 -21.15 20.14
C ASP A 89 -2.26 -22.21 19.06
N ILE A 90 -3.26 -21.99 18.21
CA ILE A 90 -3.69 -23.05 17.29
C ILE A 90 -3.48 -22.76 15.80
N GLY A 91 -2.52 -21.91 15.48
CA GLY A 91 -2.22 -21.60 14.09
C GLY A 91 -0.79 -21.86 13.68
N ILE A 92 -0.09 -22.69 14.45
CA ILE A 92 1.36 -22.82 14.32
C ILE A 92 1.88 -24.19 13.85
N VAL A 93 0.97 -25.11 13.52
CA VAL A 93 1.33 -26.47 13.10
C VAL A 93 0.68 -26.78 11.77
N THR A 94 1.48 -27.25 10.80
CA THR A 94 1.00 -27.58 9.47
C THR A 94 -0.23 -28.48 9.54
N MET A 95 -1.28 -28.10 8.82
CA MET A 95 -2.57 -28.78 8.87
C MET A 95 -2.55 -30.20 8.30
N ASP A 96 -1.59 -30.45 7.43
CA ASP A 96 -1.29 -31.80 6.94
C ASP A 96 -1.34 -32.85 8.07
N TRP A 97 -0.57 -32.60 9.13
CA TRP A 97 -0.54 -33.45 10.32
C TRP A 97 -1.89 -33.54 11.06
N LEU A 98 -2.66 -32.47 11.08
CA LEU A 98 -3.99 -32.52 11.70
C LEU A 98 -4.92 -33.51 11.00
N VAL A 99 -4.90 -33.51 9.67
CA VAL A 99 -5.73 -34.40 8.88
C VAL A 99 -5.17 -35.82 8.84
N ARG A 100 -3.94 -35.96 8.34
CA ARG A 100 -3.33 -37.26 8.11
C ARG A 100 -3.05 -38.06 9.38
N ASN A 101 -2.72 -37.37 10.46
CA ASN A 101 -2.41 -38.02 11.73
C ASN A 101 -3.56 -37.99 12.74
N VAL A 102 -4.05 -36.79 13.06
CA VAL A 102 -4.99 -36.62 14.17
C VAL A 102 -6.40 -37.17 13.87
N THR A 103 -6.92 -36.94 12.66
CA THR A 103 -8.25 -37.44 12.29
C THR A 103 -8.29 -38.96 12.16
N TYR A 104 -7.10 -39.57 12.08
CA TYR A 104 -6.97 -41.02 11.98
C TYR A 104 -6.82 -41.71 13.33
N ARG A 105 -6.81 -40.92 14.41
CA ARG A 105 -6.71 -41.47 15.75
C ARG A 105 -8.05 -41.96 16.24
N PRO A 106 -8.06 -43.07 17.02
CA PRO A 106 -9.29 -43.64 17.57
C PRO A 106 -10.21 -42.61 18.21
N HIS A 107 -11.52 -42.84 18.08
CA HIS A 107 -12.57 -42.07 18.77
C HIS A 107 -12.83 -40.67 18.22
N CYS A 108 -12.26 -40.36 17.06
CA CYS A 108 -12.52 -39.09 16.38
C CYS A 108 -13.92 -39.09 15.77
N HIS A 109 -14.72 -38.09 16.14
CA HIS A 109 -16.08 -37.92 15.60
C HIS A 109 -16.19 -36.62 14.81
N ILE A 110 -16.97 -36.65 13.73
CA ILE A 110 -17.24 -35.47 12.92
C ILE A 110 -18.72 -35.12 12.99
N CYS A 111 -19.02 -33.85 12.74
CA CYS A 111 -20.39 -33.35 12.76
C CYS A 111 -20.52 -32.08 11.95
N PHE A 112 -21.77 -31.68 11.69
CA PHE A 112 -22.07 -30.43 10.99
C PHE A 112 -23.20 -29.70 11.70
N THR A 113 -22.94 -28.45 12.08
CA THR A 113 -23.93 -27.55 12.70
C THR A 113 -25.16 -27.40 11.81
N PRO A 114 -26.32 -27.05 12.39
CA PRO A 114 -27.46 -26.68 11.55
C PRO A 114 -27.05 -25.89 10.30
N ARG A 115 -26.04 -25.01 10.44
CA ARG A 115 -25.58 -24.17 9.34
C ARG A 115 -24.66 -24.84 8.33
N GLY A 116 -24.11 -26.00 8.69
CA GLY A 116 -23.18 -26.74 7.82
C GLY A 116 -21.71 -26.54 8.15
N ILE A 117 -21.43 -25.91 9.29
CA ILE A 117 -20.05 -25.75 9.75
C ILE A 117 -19.53 -27.06 10.33
N MET A 118 -18.43 -27.54 9.76
CA MET A 118 -17.74 -28.72 10.26
C MET A 118 -17.27 -28.53 11.71
N GLN A 119 -17.12 -29.65 12.41
CA GLN A 119 -16.78 -29.64 13.83
C GLN A 119 -16.42 -31.06 14.32
N PHE A 120 -15.53 -31.12 15.31
CA PHE A 120 -14.92 -32.38 15.73
C PHE A 120 -14.97 -32.60 17.24
N ARG A 121 -14.89 -33.86 17.64
CA ARG A 121 -14.91 -34.25 19.06
C ARG A 121 -14.39 -35.69 19.22
N PHE A 122 -13.40 -35.85 20.10
CA PHE A 122 -12.95 -37.16 20.53
C PHE A 122 -13.77 -37.56 21.73
N ALA A 123 -14.40 -38.72 21.65
CA ALA A 123 -15.28 -39.20 22.71
C ALA A 123 -15.41 -40.72 22.66
N HIS A 124 -15.42 -41.32 23.86
CA HIS A 124 -15.81 -42.71 24.04
C HIS A 124 -16.53 -42.86 25.37
N PRO A 125 -17.81 -43.27 25.33
CA PRO A 125 -18.53 -43.61 24.10
C PRO A 125 -19.00 -42.38 23.30
N THR A 126 -19.52 -42.64 22.10
CA THR A 126 -20.09 -41.62 21.20
C THR A 126 -21.07 -40.73 21.96
N PRO A 127 -20.80 -39.41 21.98
CA PRO A 127 -21.61 -38.51 22.82
C PRO A 127 -23.04 -38.33 22.29
N ARG A 128 -23.93 -37.91 23.18
CA ARG A 128 -25.35 -37.78 22.85
C ARG A 128 -25.59 -36.58 21.94
N PRO A 129 -26.50 -36.73 20.95
CA PRO A 129 -26.88 -35.60 20.11
C PRO A 129 -27.32 -34.43 20.99
N SER A 130 -26.77 -33.25 20.74
CA SER A 130 -27.16 -32.05 21.50
C SER A 130 -27.85 -31.02 20.60
N GLU A 131 -27.88 -29.77 21.05
CA GLU A 131 -28.51 -28.69 20.29
C GLU A 131 -27.74 -28.31 19.02
N LYS A 132 -26.42 -28.17 19.15
CA LYS A 132 -25.55 -27.71 18.06
C LYS A 132 -25.13 -28.83 17.09
N CYS A 133 -25.45 -30.07 17.44
CA CYS A 133 -25.09 -31.24 16.65
C CYS A 133 -26.15 -32.32 16.83
N SER A 134 -26.86 -32.65 15.76
CA SER A 134 -27.95 -33.62 15.84
C SER A 134 -27.48 -35.08 15.74
N LYS A 135 -26.24 -35.29 15.32
CA LYS A 135 -25.64 -36.64 15.30
C LYS A 135 -24.13 -36.66 15.07
N TRP A 136 -23.40 -37.14 16.08
CA TRP A 136 -21.97 -37.35 15.96
C TRP A 136 -21.69 -38.66 15.24
N ILE A 137 -20.83 -38.61 14.24
CA ILE A 137 -20.42 -39.80 13.51
C ILE A 137 -18.91 -40.00 13.61
N LEU A 138 -18.51 -41.19 14.04
CA LEU A 138 -17.12 -41.61 14.10
C LEU A 138 -16.47 -41.51 12.72
N LEU A 139 -15.24 -40.99 12.67
CA LEU A 139 -14.53 -40.80 11.41
C LEU A 139 -14.19 -42.11 10.72
N GLU A 140 -13.80 -43.12 11.50
CA GLU A 140 -13.42 -44.42 10.94
C GLU A 140 -14.58 -45.07 10.18
N ASP A 141 -15.81 -44.76 10.61
CA ASP A 141 -17.02 -45.16 9.88
C ASP A 141 -17.11 -44.37 8.57
N TYR A 142 -17.23 -43.06 8.71
CA TYR A 142 -17.32 -42.12 7.60
C TYR A 142 -16.34 -42.45 6.46
N ARG A 143 -15.08 -42.69 6.82
CA ARG A 143 -14.00 -42.95 5.86
C ARG A 143 -14.17 -44.23 5.04
N LYS A 144 -14.98 -45.17 5.54
CA LYS A 144 -15.31 -46.38 4.80
C LYS A 144 -16.51 -46.12 3.88
N ARG A 145 -17.42 -45.26 4.34
CA ARG A 145 -18.66 -44.93 3.61
C ARG A 145 -18.49 -43.88 2.50
N VAL A 146 -17.29 -43.74 1.95
CA VAL A 146 -17.02 -42.80 0.85
C VAL A 146 -16.30 -43.51 -0.30
N GLN A 147 -16.45 -42.98 -1.51
CA GLN A 147 -15.82 -43.59 -2.70
C GLN A 147 -14.32 -43.32 -2.78
N ASN A 148 -13.92 -42.05 -2.76
CA ASN A 148 -12.50 -41.70 -2.75
C ASN A 148 -12.10 -41.08 -1.39
N VAL A 149 -11.35 -41.86 -0.61
CA VAL A 149 -10.98 -41.48 0.76
C VAL A 149 -9.91 -40.37 0.79
N THR A 150 -8.95 -40.43 -0.13
CA THR A 150 -7.91 -39.42 -0.21
C THR A 150 -8.41 -38.15 -0.89
N GLU A 151 -9.62 -38.21 -1.47
CA GLU A 151 -10.33 -37.04 -1.95
C GLU A 151 -11.06 -36.42 -0.78
N PHE A 152 -11.65 -37.29 0.04
CA PHE A 152 -12.32 -36.88 1.27
C PHE A 152 -11.34 -36.22 2.24
N ASP A 153 -10.14 -36.79 2.33
CA ASP A 153 -9.08 -36.25 3.18
C ASP A 153 -8.62 -34.87 2.71
N ASP A 154 -8.42 -34.73 1.40
CA ASP A 154 -8.05 -33.45 0.80
C ASP A 154 -9.10 -32.37 1.02
N SER A 155 -10.37 -32.76 1.05
CA SER A 155 -11.46 -31.82 1.28
C SER A 155 -11.45 -31.33 2.73
N LEU A 156 -10.89 -32.15 3.61
CA LEU A 156 -10.67 -31.74 5.01
C LEU A 156 -9.51 -30.75 5.11
N LEU A 157 -8.43 -31.02 4.37
CA LEU A 157 -7.27 -30.13 4.35
C LEU A 157 -7.64 -28.76 3.77
N ARG A 158 -8.54 -28.75 2.77
CA ARG A 158 -9.01 -27.52 2.15
C ARG A 158 -9.92 -26.69 3.05
N ASN A 159 -10.50 -27.32 4.06
CA ASN A 159 -11.35 -26.62 5.00
C ASN A 159 -10.57 -26.10 6.21
N PHE A 160 -9.34 -26.57 6.36
CA PHE A 160 -8.50 -26.28 7.53
C PHE A 160 -7.57 -25.09 7.29
N THR A 161 -7.50 -24.61 6.05
CA THR A 161 -6.70 -23.43 5.74
C THR A 161 -7.47 -22.48 4.84
N LEU A 162 -6.91 -21.27 4.68
CA LEU A 162 -7.48 -20.25 3.82
C LEU A 162 -6.97 -20.39 2.39
N VAL A 163 -5.88 -21.14 2.23
CA VAL A 163 -5.23 -21.35 0.93
C VAL A 163 -6.29 -21.74 -0.11
N THR A 164 -6.22 -21.06 -1.25
CA THR A 164 -7.13 -21.29 -2.35
C THR A 164 -6.56 -20.65 -3.61
N GLN A 165 -6.98 -21.15 -4.77
CA GLN A 165 -6.80 -20.43 -6.01
C GLN A 165 -7.78 -19.27 -6.02
N HIS A 166 -7.43 -18.21 -6.72
CA HIS A 166 -8.31 -17.03 -6.83
C HIS A 166 -8.88 -16.53 -5.51
N PRO A 167 -7.99 -16.18 -4.55
CA PRO A 167 -8.46 -15.62 -3.28
C PRO A 167 -9.17 -14.27 -3.47
N GLU A 168 -8.88 -13.59 -4.58
CA GLU A 168 -9.51 -12.30 -4.91
C GLU A 168 -11.00 -12.45 -5.17
N VAL A 169 -11.39 -13.64 -5.65
CA VAL A 169 -12.80 -13.96 -5.93
C VAL A 169 -13.49 -14.60 -4.72
N ILE A 170 -12.78 -15.50 -4.02
CA ILE A 170 -13.34 -16.17 -2.85
C ILE A 170 -13.58 -15.19 -1.69
N TYR A 171 -12.58 -14.37 -1.39
CA TYR A 171 -12.63 -13.44 -0.27
C TYR A 171 -12.81 -12.02 -0.82
N THR A 172 -14.06 -11.66 -1.08
CA THR A 172 -14.39 -10.38 -1.72
C THR A 172 -14.05 -9.16 -0.88
N ASN A 173 -14.14 -9.30 0.44
CA ASN A 173 -13.79 -8.22 1.36
C ASN A 173 -13.17 -8.74 2.66
N GLN A 174 -12.81 -7.81 3.54
CA GLN A 174 -12.16 -8.13 4.80
C GLN A 174 -13.05 -8.88 5.79
N ASN A 175 -14.35 -8.61 5.75
CA ASN A 175 -15.30 -9.33 6.59
C ASN A 175 -15.47 -10.79 6.16
N VAL A 176 -15.49 -11.02 4.86
CA VAL A 176 -15.60 -12.39 4.35
C VAL A 176 -14.38 -13.22 4.76
N VAL A 177 -13.18 -12.65 4.58
CA VAL A 177 -11.96 -13.35 4.97
C VAL A 177 -11.89 -13.62 6.48
N TRP A 178 -12.33 -12.65 7.28
CA TRP A 178 -12.32 -12.83 8.74
C TRP A 178 -13.35 -13.86 9.19
N SER A 179 -14.47 -13.89 8.49
CA SER A 179 -15.51 -14.89 8.71
C SER A 179 -14.98 -16.33 8.51
N LYS A 180 -14.34 -16.57 7.37
CA LYS A 180 -13.70 -17.86 7.09
C LYS A 180 -12.56 -18.17 8.07
N PHE A 181 -11.71 -17.17 8.33
CA PHE A 181 -10.62 -17.28 9.31
C PHE A 181 -11.12 -17.85 10.62
N GLU A 182 -12.07 -17.16 11.24
CA GLU A 182 -12.60 -17.56 12.55
C GLU A 182 -13.29 -18.93 12.51
N THR A 183 -13.98 -19.22 11.41
CA THR A 183 -14.62 -20.53 11.20
C THR A 183 -13.60 -21.69 11.21
N ILE A 184 -12.43 -21.46 10.62
CA ILE A 184 -11.34 -22.46 10.71
C ILE A 184 -10.94 -22.75 12.16
N PHE A 185 -10.71 -21.70 12.94
CA PHE A 185 -10.40 -21.87 14.37
C PHE A 185 -11.46 -22.70 15.09
N PHE A 186 -12.74 -22.38 14.86
CA PHE A 186 -13.87 -23.13 15.41
C PHE A 186 -13.87 -24.61 15.01
N THR A 187 -13.63 -24.89 13.74
CA THR A 187 -13.62 -26.26 13.21
C THR A 187 -12.52 -27.13 13.82
N ILE A 188 -11.28 -26.66 13.77
CA ILE A 188 -10.12 -27.46 14.21
C ILE A 188 -10.00 -27.50 15.73
N SER A 189 -10.82 -26.69 16.40
CA SER A 189 -10.76 -26.58 17.85
C SER A 189 -10.97 -27.90 18.59
N GLY A 190 -12.03 -28.61 18.22
CA GLY A 190 -12.36 -29.90 18.82
C GLY A 190 -11.28 -30.96 18.66
N LEU A 191 -10.53 -30.88 17.56
CA LEU A 191 -9.41 -31.78 17.33
C LEU A 191 -8.25 -31.50 18.29
N ILE A 192 -7.88 -30.23 18.41
CA ILE A 192 -6.66 -29.85 19.14
C ILE A 192 -6.81 -29.86 20.68
N HIS A 193 -8.04 -29.68 21.17
CA HIS A 193 -8.24 -29.55 22.61
C HIS A 193 -8.53 -30.86 23.35
N TYR A 194 -8.47 -31.97 22.64
CA TYR A 194 -8.47 -33.30 23.25
C TYR A 194 -7.07 -33.55 23.81
N ALA A 195 -7.01 -33.90 25.10
CA ALA A 195 -5.75 -33.87 25.87
C ALA A 195 -4.50 -34.47 25.22
N PRO A 196 -4.55 -35.74 24.74
CA PRO A 196 -3.31 -36.25 24.14
C PRO A 196 -2.94 -35.64 22.78
N VAL A 197 -3.92 -35.09 22.06
CA VAL A 197 -3.61 -34.33 20.83
C VAL A 197 -2.98 -32.98 21.21
N PHE A 198 -3.55 -32.33 22.23
CA PHE A 198 -3.02 -31.07 22.75
C PHE A 198 -1.52 -31.13 23.06
N ARG A 199 -1.11 -32.14 23.82
CA ARG A 199 0.31 -32.37 24.11
C ARG A 199 1.12 -32.55 22.83
N ASP A 200 0.64 -33.44 21.94
CA ASP A 200 1.31 -33.71 20.68
C ASP A 200 1.41 -32.45 19.81
N TYR A 201 0.32 -31.67 19.78
CA TYR A 201 0.27 -30.41 19.04
C TYR A 201 1.35 -29.42 19.50
N VAL A 202 1.40 -29.15 20.80
CA VAL A 202 2.39 -28.23 21.38
C VAL A 202 3.81 -28.68 21.01
N PHE A 203 4.09 -29.96 21.25
CA PHE A 203 5.38 -30.57 20.93
C PHE A 203 5.74 -30.44 19.45
N ARG A 204 4.75 -30.65 18.58
CA ARG A 204 5.00 -30.58 17.15
C ARG A 204 5.31 -29.16 16.67
N SER A 205 4.62 -28.17 17.24
CA SER A 205 4.91 -26.76 16.90
C SER A 205 6.34 -26.36 17.28
N MET A 206 6.86 -26.91 18.37
CA MET A 206 8.28 -26.75 18.68
C MET A 206 9.17 -27.45 17.65
N GLN A 207 8.83 -28.68 17.27
CA GLN A 207 9.55 -29.39 16.20
C GLN A 207 9.63 -28.56 14.93
N GLU A 208 8.49 -28.01 14.50
CA GLU A 208 8.42 -27.27 13.24
C GLU A 208 9.19 -25.95 13.25
N PHE A 209 9.17 -25.26 14.38
CA PHE A 209 9.96 -24.04 14.52
C PHE A 209 11.45 -24.32 14.76
N TYR A 210 11.75 -25.40 15.48
CA TYR A 210 13.12 -25.83 15.67
C TYR A 210 13.75 -26.24 14.34
N GLU A 211 12.99 -26.96 13.54
CA GLU A 211 13.40 -27.36 12.21
C GLU A 211 13.65 -26.13 11.31
N ASP A 212 12.93 -25.03 11.56
CA ASP A 212 13.11 -23.78 10.80
C ASP A 212 14.23 -22.92 11.40
N ASN A 213 14.95 -23.48 12.37
CA ASN A 213 16.08 -22.80 13.02
C ASN A 213 15.64 -21.60 13.88
N VAL A 214 14.49 -21.76 14.54
CA VAL A 214 13.97 -20.81 15.52
C VAL A 214 14.05 -21.49 16.89
N LEU A 215 14.54 -20.76 17.89
CA LEU A 215 14.89 -21.41 19.16
C LEU A 215 14.02 -21.04 20.35
N TYR A 216 13.14 -20.07 20.16
CA TYR A 216 12.27 -19.62 21.24
C TYR A 216 10.93 -19.17 20.69
N MET A 217 9.87 -19.35 21.49
CA MET A 217 8.51 -18.99 21.08
C MET A 217 7.72 -18.34 22.20
N GLU A 218 7.08 -17.22 21.90
CA GLU A 218 6.04 -16.69 22.80
C GLU A 218 4.68 -16.75 22.10
N ILE A 219 3.71 -17.35 22.77
CA ILE A 219 2.44 -17.73 22.15
C ILE A 219 1.24 -17.04 22.79
N ARG A 220 0.42 -16.38 21.96
CA ARG A 220 -0.89 -15.89 22.39
C ARG A 220 -1.87 -17.06 22.51
N ALA A 221 -2.30 -17.37 23.73
CA ALA A 221 -3.11 -18.55 23.99
C ALA A 221 -4.42 -18.21 24.67
N ARG A 222 -5.52 -18.69 24.09
CA ARG A 222 -6.86 -18.50 24.66
C ARG A 222 -7.04 -19.35 25.92
N LEU A 223 -6.27 -20.43 26.02
CA LEU A 223 -6.35 -21.40 27.12
C LEU A 223 -7.77 -21.93 27.29
N LEU A 224 -8.38 -22.34 26.17
CA LEU A 224 -9.72 -22.91 26.16
C LEU A 224 -9.64 -24.25 26.90
N PRO A 225 -10.77 -24.72 27.48
CA PRO A 225 -10.69 -25.98 28.23
C PRO A 225 -10.25 -27.18 27.38
N VAL A 226 -9.25 -27.91 27.89
CA VAL A 226 -8.78 -29.16 27.28
C VAL A 226 -9.58 -30.30 27.90
N TYR A 227 -9.94 -31.29 27.10
CA TYR A 227 -10.89 -32.32 27.54
C TYR A 227 -10.40 -33.76 27.35
N GLU A 228 -11.00 -34.68 28.09
CA GLU A 228 -10.63 -36.10 28.05
C GLU A 228 -11.74 -36.92 27.39
N LEU A 229 -11.46 -38.20 27.11
CA LEU A 229 -12.47 -39.10 26.53
C LEU A 229 -13.71 -39.23 27.41
N SER A 230 -13.53 -39.21 28.73
CA SER A 230 -14.63 -39.24 29.69
C SER A 230 -15.60 -38.08 29.49
N GLY A 231 -15.07 -36.93 29.09
CA GLY A 231 -15.85 -35.71 28.97
C GLY A 231 -15.46 -34.65 29.98
N GLU A 232 -14.51 -35.00 30.87
CA GLU A 232 -13.98 -34.05 31.87
C GLU A 232 -13.23 -32.91 31.18
N HIS A 233 -13.36 -31.69 31.73
CA HIS A 233 -12.69 -30.51 31.21
C HIS A 233 -11.61 -30.09 32.20
N HIS A 234 -10.46 -29.68 31.67
CA HIS A 234 -9.42 -29.08 32.51
C HIS A 234 -9.54 -27.55 32.50
N ASP A 235 -8.80 -26.90 33.39
CA ASP A 235 -8.86 -25.44 33.48
C ASP A 235 -7.60 -24.74 32.98
N GLU A 236 -7.58 -23.41 33.08
CA GLU A 236 -6.46 -22.59 32.61
C GLU A 236 -5.12 -22.98 33.24
N GLU A 237 -5.11 -23.15 34.57
CA GLU A 237 -3.92 -23.62 35.29
C GLU A 237 -3.35 -24.87 34.65
N TRP A 238 -4.22 -25.84 34.39
CA TRP A 238 -3.84 -27.12 33.80
C TRP A 238 -3.18 -26.95 32.40
N SER A 239 -3.70 -26.02 31.60
CA SER A 239 -3.12 -25.76 30.27
C SER A 239 -1.74 -25.14 30.35
N VAL A 240 -1.55 -24.21 31.29
CA VAL A 240 -0.26 -23.56 31.50
C VAL A 240 0.77 -24.56 32.03
N LYS A 241 0.33 -25.44 32.92
CA LYS A 241 1.18 -26.49 33.45
C LYS A 241 1.67 -27.39 32.33
N THR A 242 0.73 -27.79 31.48
CA THR A 242 1.00 -28.63 30.32
C THR A 242 1.97 -27.98 29.33
N TYR A 243 1.77 -26.68 29.04
CA TYR A 243 2.67 -25.97 28.13
C TYR A 243 4.09 -26.03 28.68
N GLN A 244 4.25 -25.68 29.95
CA GLN A 244 5.53 -25.76 30.65
C GLN A 244 6.13 -27.16 30.57
N GLU A 245 5.32 -28.18 30.88
CA GLU A 245 5.77 -29.57 30.90
C GLU A 245 6.22 -30.09 29.54
N VAL A 246 5.42 -29.83 28.50
CA VAL A 246 5.76 -30.28 27.14
C VAL A 246 7.03 -29.57 26.65
N ALA A 247 7.14 -28.28 26.94
CA ALA A 247 8.32 -27.49 26.59
C ALA A 247 9.58 -27.99 27.28
N GLN A 248 9.46 -28.40 28.55
CA GLN A 248 10.56 -29.02 29.28
C GLN A 248 10.99 -30.33 28.61
N LYS A 249 10.01 -31.16 28.28
CA LYS A 249 10.25 -32.42 27.58
C LYS A 249 10.96 -32.19 26.25
N PHE A 250 10.59 -31.12 25.54
CA PHE A 250 11.18 -30.80 24.26
C PHE A 250 12.63 -30.32 24.42
N VAL A 251 12.87 -29.46 25.41
CA VAL A 251 14.20 -28.89 25.66
C VAL A 251 15.18 -29.96 26.12
N GLU A 252 14.65 -31.02 26.74
CA GLU A 252 15.45 -32.16 27.18
C GLU A 252 16.08 -32.94 26.03
N THR A 253 15.39 -33.00 24.89
CA THR A 253 15.93 -33.70 23.73
C THR A 253 16.38 -32.74 22.63
N HIS A 254 16.35 -31.45 22.94
CA HIS A 254 16.84 -30.40 22.06
C HIS A 254 17.44 -29.32 22.95
N PRO A 255 18.68 -29.54 23.44
CA PRO A 255 19.28 -28.71 24.49
C PRO A 255 19.52 -27.24 24.10
N GLU A 256 19.51 -26.96 22.79
CA GLU A 256 19.67 -25.58 22.31
C GLU A 256 18.37 -24.77 22.26
N PHE A 257 17.23 -25.44 22.19
CA PHE A 257 15.93 -24.78 22.28
C PHE A 257 15.73 -24.14 23.66
N ILE A 258 15.36 -22.86 23.67
CA ILE A 258 15.20 -22.08 24.91
C ILE A 258 13.90 -22.40 25.65
N GLY A 259 12.82 -22.65 24.91
CA GLY A 259 11.52 -22.95 25.52
C GLY A 259 10.40 -22.07 25.00
N ILE A 260 9.26 -22.10 25.68
CA ILE A 260 8.14 -21.24 25.30
C ILE A 260 7.61 -20.47 26.50
N LYS A 261 7.04 -19.30 26.23
CA LYS A 261 6.21 -18.59 27.19
C LYS A 261 4.81 -18.34 26.64
N ILE A 262 3.88 -18.07 27.54
CA ILE A 262 2.49 -17.89 27.16
C ILE A 262 2.04 -16.45 27.44
N ILE A 263 1.45 -15.82 26.43
CA ILE A 263 0.69 -14.59 26.61
C ILE A 263 -0.78 -14.95 26.57
N TYR A 264 -1.46 -14.86 27.71
CA TYR A 264 -2.88 -15.18 27.82
C TYR A 264 -3.73 -14.18 27.03
N SER A 265 -4.75 -14.67 26.34
CA SER A 265 -5.55 -13.81 25.47
C SER A 265 -7.04 -14.11 25.47
N ASP A 266 -7.82 -13.07 25.20
CA ASP A 266 -9.26 -13.19 25.07
C ASP A 266 -9.76 -12.32 23.91
N HIS A 267 -10.95 -12.63 23.40
CA HIS A 267 -11.50 -11.97 22.22
C HIS A 267 -12.04 -10.58 22.50
N ARG A 268 -11.72 -9.64 21.61
CA ARG A 268 -12.10 -8.24 21.76
C ARG A 268 -13.57 -7.98 21.39
N SER A 269 -14.33 -9.04 21.14
CA SER A 269 -15.76 -8.92 20.86
C SER A 269 -16.61 -9.11 22.11
N LYS A 270 -15.98 -9.13 23.28
CA LYS A 270 -16.68 -9.45 24.53
C LYS A 270 -16.93 -8.23 25.42
N ASP A 271 -17.89 -8.39 26.33
CA ASP A 271 -18.25 -7.34 27.27
C ASP A 271 -17.12 -7.00 28.22
N VAL A 272 -16.99 -5.72 28.54
CA VAL A 272 -15.94 -5.25 29.46
C VAL A 272 -15.93 -6.04 30.78
N ALA A 273 -17.10 -6.49 31.23
CA ALA A 273 -17.22 -7.31 32.44
C ALA A 273 -16.57 -8.70 32.30
N VAL A 274 -16.78 -9.34 31.14
CA VAL A 274 -16.13 -10.61 30.80
C VAL A 274 -14.61 -10.43 30.69
N ILE A 275 -14.19 -9.33 30.09
CA ILE A 275 -12.77 -9.03 29.95
C ILE A 275 -12.12 -8.74 31.30
N ALA A 276 -12.87 -8.07 32.19
CA ALA A 276 -12.44 -7.84 33.59
C ALA A 276 -12.15 -9.16 34.31
N GLU A 277 -13.04 -10.13 34.13
CA GLU A 277 -12.85 -11.50 34.62
C GLU A 277 -11.56 -12.13 34.06
N SER A 278 -11.30 -11.92 32.76
CA SER A 278 -10.11 -12.45 32.10
C SER A 278 -8.81 -11.80 32.58
N ILE A 279 -8.88 -10.51 32.91
CA ILE A 279 -7.73 -9.79 33.49
C ILE A 279 -7.32 -10.36 34.85
N ARG A 280 -8.30 -10.74 35.67
CA ARG A 280 -8.03 -11.33 36.97
C ARG A 280 -7.39 -12.70 36.87
N MET A 281 -7.87 -13.49 35.90
CA MET A 281 -7.29 -14.77 35.55
C MET A 281 -5.81 -14.61 35.20
N ALA A 282 -5.50 -13.59 34.41
CA ALA A 282 -4.14 -13.33 33.94
C ALA A 282 -3.20 -12.99 35.10
N MET A 283 -3.68 -12.16 36.02
CA MET A 283 -2.95 -11.84 37.24
C MET A 283 -2.71 -13.09 38.08
N GLY A 284 -3.75 -13.90 38.24
CA GLY A 284 -3.65 -15.17 38.95
C GLY A 284 -2.63 -16.11 38.33
N LEU A 285 -2.64 -16.18 36.99
CA LEU A 285 -1.74 -17.04 36.24
C LEU A 285 -0.29 -16.56 36.34
N ARG A 286 -0.10 -15.24 36.41
CA ARG A 286 1.22 -14.64 36.61
C ARG A 286 1.83 -14.99 37.97
N ILE A 287 1.02 -14.88 39.02
CA ILE A 287 1.40 -15.26 40.38
C ILE A 287 1.77 -16.75 40.43
N LYS A 288 0.89 -17.59 39.93
CA LYS A 288 1.10 -19.04 39.94
C LYS A 288 2.27 -19.49 39.05
N PHE A 289 2.44 -18.83 37.90
CA PHE A 289 3.46 -19.25 36.93
C PHE A 289 4.28 -18.07 36.38
N PRO A 290 5.08 -17.40 37.25
CA PRO A 290 5.77 -16.16 36.82
C PRO A 290 6.82 -16.41 35.76
N THR A 291 7.19 -17.67 35.59
CA THR A 291 8.23 -18.09 34.67
C THR A 291 7.65 -18.47 33.29
N VAL A 292 6.35 -18.78 33.26
CA VAL A 292 5.68 -19.27 32.05
C VAL A 292 4.78 -18.20 31.40
N VAL A 293 4.06 -17.44 32.22
CA VAL A 293 3.04 -16.53 31.72
C VAL A 293 3.55 -15.09 31.62
N ALA A 294 3.80 -14.62 30.40
CA ALA A 294 4.41 -13.30 30.16
C ALA A 294 3.46 -12.14 30.39
N GLY A 295 2.17 -12.36 30.19
CA GLY A 295 1.18 -11.30 30.35
C GLY A 295 -0.13 -11.54 29.62
N PHE A 296 -0.73 -10.47 29.11
CA PHE A 296 -2.08 -10.50 28.53
C PHE A 296 -2.19 -9.74 27.21
N ASP A 297 -3.16 -10.14 26.38
CA ASP A 297 -3.44 -9.53 25.06
C ASP A 297 -4.92 -9.68 24.70
N LEU A 298 -5.42 -8.75 23.88
CA LEU A 298 -6.76 -8.86 23.30
C LEU A 298 -6.66 -9.13 21.79
N VAL A 299 -7.40 -10.14 21.33
CA VAL A 299 -7.28 -10.62 19.94
C VAL A 299 -8.62 -10.60 19.22
N GLY A 300 -8.60 -10.98 17.94
CA GLY A 300 -9.81 -10.95 17.12
C GLY A 300 -9.81 -9.80 16.12
N HIS A 301 -10.87 -9.72 15.32
CA HIS A 301 -11.01 -8.70 14.28
C HIS A 301 -11.08 -7.32 14.92
N GLU A 302 -10.05 -6.51 14.71
CA GLU A 302 -9.90 -5.24 15.39
C GLU A 302 -10.89 -4.18 14.89
N ASP A 303 -11.16 -4.20 13.60
CA ASP A 303 -12.07 -3.23 12.99
C ASP A 303 -13.49 -3.31 13.55
N THR A 304 -13.94 -4.52 13.84
CA THR A 304 -15.34 -4.78 14.21
C THR A 304 -15.58 -4.97 15.72
N GLY A 305 -14.52 -5.18 16.50
CA GLY A 305 -14.67 -5.40 17.94
C GLY A 305 -14.55 -4.12 18.76
N HIS A 306 -14.45 -4.26 20.08
CA HIS A 306 -14.27 -3.10 20.96
C HIS A 306 -12.86 -2.54 20.84
N SER A 307 -12.70 -1.26 21.13
CA SER A 307 -11.39 -0.63 21.19
C SER A 307 -10.76 -0.79 22.58
N LEU A 308 -9.46 -0.52 22.67
CA LEU A 308 -8.77 -0.56 23.96
C LEU A 308 -9.37 0.45 24.94
N HIS A 309 -9.76 1.61 24.43
CA HIS A 309 -10.42 2.65 25.23
C HIS A 309 -11.70 2.09 25.84
N ASP A 310 -12.52 1.44 25.03
CA ASP A 310 -13.75 0.78 25.48
C ASP A 310 -13.52 -0.08 26.71
N TYR A 311 -12.34 -0.70 26.76
CA TYR A 311 -11.97 -1.60 27.86
C TYR A 311 -11.21 -0.95 29.01
N LYS A 312 -11.06 0.39 29.00
CA LYS A 312 -10.23 1.08 30.00
C LYS A 312 -10.46 0.58 31.43
N GLU A 313 -11.73 0.56 31.84
CA GLU A 313 -12.09 0.13 33.20
C GLU A 313 -11.43 -1.20 33.55
N ALA A 314 -11.59 -2.20 32.68
CA ALA A 314 -11.03 -3.54 32.89
C ALA A 314 -9.50 -3.59 32.79
N LEU A 315 -8.92 -2.83 31.86
CA LEU A 315 -7.47 -2.84 31.64
C LEU A 315 -6.69 -2.08 32.72
N MET A 316 -7.41 -1.30 33.53
CA MET A 316 -6.80 -0.54 34.62
C MET A 316 -6.83 -1.27 35.96
N ILE A 317 -7.54 -2.40 36.01
CA ILE A 317 -7.65 -3.23 37.23
C ILE A 317 -6.29 -3.57 37.88
N PRO A 318 -5.29 -4.04 37.11
CA PRO A 318 -4.00 -4.30 37.75
C PRO A 318 -3.42 -3.07 38.43
N ALA A 319 -3.42 -1.93 37.74
CA ALA A 319 -2.86 -0.68 38.28
C ALA A 319 -3.54 -0.26 39.59
N LYS A 320 -4.87 -0.36 39.62
CA LYS A 320 -5.65 -0.06 40.82
C LYS A 320 -5.35 -1.03 41.98
N ASP A 321 -4.91 -2.25 41.67
CA ASP A 321 -4.51 -3.22 42.68
C ASP A 321 -3.01 -3.11 42.99
N GLY A 322 -2.35 -2.14 42.37
CA GLY A 322 -0.90 -1.95 42.51
C GLY A 322 -0.08 -3.12 41.97
N VAL A 323 -0.60 -3.77 40.93
CA VAL A 323 0.07 -4.90 40.31
C VAL A 323 0.39 -4.57 38.86
N LYS A 324 1.53 -5.05 38.37
CA LYS A 324 1.92 -4.88 36.98
C LYS A 324 1.63 -6.14 36.16
N LEU A 325 0.58 -6.07 35.33
CA LEU A 325 0.28 -7.10 34.35
C LEU A 325 0.81 -6.61 33.00
N PRO A 326 1.93 -7.20 32.55
CA PRO A 326 2.44 -6.77 31.25
C PRO A 326 1.43 -7.01 30.14
N TYR A 327 1.44 -6.13 29.16
CA TYR A 327 0.52 -6.21 28.03
C TYR A 327 1.27 -6.32 26.72
N PHE A 328 0.64 -6.98 25.75
CA PHE A 328 1.24 -7.24 24.43
C PHE A 328 0.18 -7.04 23.37
N PHE A 329 -0.43 -5.84 23.35
CA PHE A 329 -1.62 -5.58 22.54
C PHE A 329 -1.42 -5.65 21.02
N HIS A 330 -2.28 -6.43 20.36
CA HIS A 330 -2.57 -6.21 18.95
C HIS A 330 -3.10 -4.78 18.82
N ALA A 331 -2.58 -4.01 17.87
CA ALA A 331 -3.01 -2.61 17.75
C ALA A 331 -2.76 -2.03 16.36
N GLY A 332 -3.77 -1.37 15.83
CA GLY A 332 -3.70 -0.67 14.54
C GLY A 332 -3.56 -1.61 13.36
N GLU A 333 -4.13 -2.81 13.50
CA GLU A 333 -4.18 -3.76 12.40
C GLU A 333 -5.34 -3.37 11.48
N THR A 334 -5.19 -2.24 10.80
CA THR A 334 -6.29 -1.65 10.05
C THR A 334 -5.81 -0.80 8.88
N ASP A 335 -6.67 -0.66 7.87
CA ASP A 335 -6.45 0.30 6.78
C ASP A 335 -7.03 1.68 7.10
N TRP A 336 -7.87 1.77 8.15
CA TRP A 336 -8.46 3.07 8.55
C TRP A 336 -7.42 3.96 9.19
N GLN A 337 -7.61 5.26 9.03
CA GLN A 337 -6.68 6.26 9.52
C GLN A 337 -7.51 7.37 10.17
N GLY A 338 -7.11 7.76 11.37
CA GLY A 338 -7.79 8.79 12.13
C GLY A 338 -9.11 8.33 12.77
N THR A 339 -9.31 7.02 12.85
CA THR A 339 -10.51 6.48 13.48
C THR A 339 -10.19 5.95 14.88
N SER A 340 -11.21 5.46 15.58
CA SER A 340 -11.06 4.87 16.91
C SER A 340 -10.21 3.58 16.92
N ILE A 341 -10.05 2.99 15.74
CA ILE A 341 -9.33 1.71 15.62
C ILE A 341 -7.81 1.90 15.60
N ASP A 342 -7.32 2.82 14.76
CA ASP A 342 -5.88 3.06 14.69
C ASP A 342 -5.30 3.83 15.89
N ARG A 343 -6.17 4.50 16.66
CA ARG A 343 -5.76 5.12 17.92
C ARG A 343 -5.47 4.09 19.02
N ASN A 344 -5.85 2.83 18.77
CA ASN A 344 -5.48 1.71 19.65
C ASN A 344 -3.98 1.59 19.87
N ILE A 345 -3.18 2.01 18.91
CA ILE A 345 -1.72 2.06 19.08
C ILE A 345 -1.36 3.06 20.19
N LEU A 346 -1.94 4.25 20.11
CA LEU A 346 -1.74 5.26 21.13
C LEU A 346 -2.12 4.74 22.52
N ASP A 347 -3.29 4.09 22.60
CA ASP A 347 -3.82 3.60 23.86
C ASP A 347 -3.07 2.37 24.39
N ALA A 348 -2.49 1.59 23.49
CA ALA A 348 -1.61 0.48 23.87
C ALA A 348 -0.37 1.05 24.57
N LEU A 349 0.20 2.09 23.98
CA LEU A 349 1.34 2.78 24.57
C LEU A 349 1.00 3.43 25.92
N MET A 350 -0.17 4.05 26.02
CA MET A 350 -0.60 4.68 27.27
C MET A 350 -0.79 3.64 28.38
N LEU A 351 -1.06 2.40 27.99
CA LEU A 351 -1.17 1.29 28.95
C LEU A 351 0.13 0.53 29.17
N ASN A 352 1.26 1.13 28.75
CA ASN A 352 2.60 0.55 28.98
C ASN A 352 2.81 -0.83 28.35
N THR A 353 2.33 -1.01 27.11
CA THR A 353 2.49 -2.27 26.43
C THR A 353 3.99 -2.57 26.22
N THR A 354 4.39 -3.83 26.37
CA THR A 354 5.77 -4.26 26.20
C THR A 354 6.10 -4.34 24.71
N ARG A 355 5.16 -4.89 23.94
CA ARG A 355 5.24 -4.94 22.49
C ARG A 355 3.89 -4.56 21.84
N ILE A 356 3.93 -4.10 20.59
CA ILE A 356 2.74 -3.81 19.80
C ILE A 356 2.57 -4.88 18.70
N GLY A 357 1.44 -5.57 18.70
CA GLY A 357 1.15 -6.53 17.63
C GLY A 357 0.73 -5.84 16.35
N HIS A 358 1.49 -6.05 15.27
CA HIS A 358 1.21 -5.48 13.94
C HIS A 358 1.61 -4.03 13.82
N GLY A 359 0.93 -3.14 14.55
CA GLY A 359 1.22 -1.70 14.48
C GLY A 359 1.18 -1.18 13.05
N PHE A 360 0.35 -1.81 12.21
CA PHE A 360 0.23 -1.52 10.77
C PHE A 360 0.05 -0.03 10.47
N ALA A 361 -0.77 0.66 11.26
CA ALA A 361 -1.08 2.06 11.01
C ALA A 361 -0.08 3.03 11.64
N LEU A 362 1.03 2.52 12.17
CA LEU A 362 1.99 3.34 12.91
C LEU A 362 2.57 4.53 12.13
N SER A 363 3.04 4.27 10.91
CA SER A 363 3.67 5.31 10.07
C SER A 363 2.73 6.47 9.69
N LYS A 364 1.44 6.31 9.95
CA LYS A 364 0.49 7.40 9.69
C LYS A 364 0.34 8.31 10.91
N HIS A 365 1.02 7.94 12.00
CA HIS A 365 0.98 8.71 13.24
C HIS A 365 2.40 9.05 13.69
N PRO A 366 2.97 10.15 13.16
CA PRO A 366 4.37 10.51 13.42
C PRO A 366 4.71 10.67 14.92
N ALA A 367 3.81 11.27 15.69
CA ALA A 367 4.03 11.53 17.13
C ALA A 367 4.07 10.25 17.97
N VAL A 368 3.16 9.32 17.65
CA VAL A 368 3.10 8.01 18.29
C VAL A 368 4.35 7.22 17.89
N ARG A 369 4.73 7.33 16.62
CA ARG A 369 5.93 6.70 16.10
C ARG A 369 7.17 7.12 16.91
N THR A 370 7.36 8.44 17.04
CA THR A 370 8.45 8.99 17.83
C THR A 370 8.42 8.49 19.28
N TYR A 371 7.22 8.45 19.88
CA TYR A 371 7.05 8.07 21.27
C TYR A 371 7.42 6.62 21.52
N SER A 372 6.98 5.73 20.64
CA SER A 372 7.27 4.31 20.77
C SER A 372 8.77 4.02 20.55
N TRP A 373 9.37 4.77 19.63
CA TRP A 373 10.80 4.68 19.36
C TRP A 373 11.59 5.13 20.60
N LYS A 374 11.15 6.23 21.21
CA LYS A 374 11.78 6.74 22.43
C LYS A 374 11.65 5.82 23.64
N LYS A 375 10.48 5.20 23.81
CA LYS A 375 10.28 4.22 24.89
C LYS A 375 10.78 2.82 24.51
N ASP A 376 11.46 2.72 23.37
CA ASP A 376 11.93 1.46 22.79
C ASP A 376 10.89 0.31 22.78
N ILE A 377 9.67 0.61 22.34
CA ILE A 377 8.60 -0.38 22.25
C ILE A 377 8.44 -0.86 20.80
N PRO A 378 8.74 -2.15 20.54
CA PRO A 378 8.78 -2.68 19.17
C PRO A 378 7.41 -3.08 18.60
N ILE A 379 7.30 -3.03 17.28
CA ILE A 379 6.14 -3.63 16.61
C ILE A 379 6.47 -5.06 16.14
N GLU A 380 5.47 -5.94 16.18
CA GLU A 380 5.62 -7.30 15.71
C GLU A 380 5.00 -7.36 14.32
N VAL A 381 5.84 -7.38 13.29
CA VAL A 381 5.35 -7.36 11.91
C VAL A 381 5.22 -8.76 11.32
N CYS A 382 4.01 -9.02 10.79
CA CYS A 382 3.60 -10.30 10.22
C CYS A 382 3.12 -10.12 8.78
N PRO A 383 4.06 -10.08 7.81
CA PRO A 383 3.73 -9.69 6.44
C PRO A 383 2.70 -10.59 5.74
N ILE A 384 2.85 -11.91 5.84
CA ILE A 384 1.94 -12.81 5.13
C ILE A 384 0.50 -12.67 5.65
N SER A 385 0.35 -12.61 6.97
CA SER A 385 -0.94 -12.35 7.58
C SER A 385 -1.62 -11.10 7.03
N ASN A 386 -0.89 -9.97 7.01
CA ASN A 386 -1.42 -8.70 6.51
C ASN A 386 -1.88 -8.78 5.05
N GLN A 387 -1.21 -9.61 4.24
CA GLN A 387 -1.62 -9.80 2.85
C GLN A 387 -2.87 -10.67 2.76
N VAL A 388 -2.84 -11.82 3.43
CA VAL A 388 -3.92 -12.78 3.36
C VAL A 388 -5.20 -12.16 3.93
N LEU A 389 -5.08 -11.42 5.03
CA LEU A 389 -6.25 -10.76 5.65
C LEU A 389 -6.60 -9.42 5.00
N LYS A 390 -5.97 -9.16 3.85
CA LYS A 390 -6.37 -8.11 2.90
C LYS A 390 -6.14 -6.66 3.35
N LEU A 391 -5.19 -6.45 4.27
CA LEU A 391 -4.73 -5.09 4.62
C LEU A 391 -3.91 -4.47 3.51
N VAL A 392 -3.27 -5.30 2.68
CA VAL A 392 -2.39 -4.80 1.62
C VAL A 392 -2.20 -5.88 0.53
N SER A 393 -2.35 -5.50 -0.73
CA SER A 393 -2.20 -6.43 -1.85
C SER A 393 -0.74 -6.78 -2.15
N ASP A 394 0.03 -5.75 -2.50
CA ASP A 394 1.40 -5.85 -2.93
C ASP A 394 2.28 -5.45 -1.75
N LEU A 395 3.01 -6.41 -1.20
CA LEU A 395 3.84 -6.20 0.00
C LEU A 395 4.97 -5.18 -0.19
N ARG A 396 5.28 -4.84 -1.44
CA ARG A 396 6.14 -3.69 -1.70
C ARG A 396 5.51 -2.39 -1.14
N ASN A 397 4.18 -2.35 -1.00
CA ASN A 397 3.48 -1.21 -0.43
C ASN A 397 3.24 -1.30 1.08
N HIS A 398 3.85 -2.28 1.73
CA HIS A 398 3.66 -2.43 3.17
C HIS A 398 4.20 -1.20 3.92
N PRO A 399 3.38 -0.63 4.82
CA PRO A 399 3.78 0.58 5.56
C PRO A 399 5.01 0.40 6.44
N VAL A 400 5.45 -0.83 6.68
CA VAL A 400 6.63 -1.07 7.48
C VAL A 400 7.92 -0.73 6.74
N ALA A 401 7.86 -0.68 5.41
CA ALA A 401 8.98 -0.26 4.57
C ALA A 401 9.56 1.08 5.04
N THR A 402 8.69 2.02 5.38
CA THR A 402 9.08 3.32 5.91
C THR A 402 9.79 3.18 7.26
N LEU A 403 9.27 2.29 8.10
CA LEU A 403 9.84 2.07 9.43
C LEU A 403 11.22 1.40 9.38
N MET A 404 11.41 0.52 8.40
CA MET A 404 12.71 -0.11 8.22
C MET A 404 13.74 0.94 7.78
N ALA A 405 13.32 1.87 6.94
CA ALA A 405 14.21 2.88 6.38
C ALA A 405 14.79 3.81 7.46
N THR A 406 14.12 3.91 8.60
CA THR A 406 14.62 4.71 9.71
C THR A 406 15.08 3.85 10.88
N GLY A 407 15.14 2.52 10.67
CA GLY A 407 15.63 1.58 11.66
C GLY A 407 14.79 1.49 12.92
N HIS A 408 13.46 1.56 12.75
CA HIS A 408 12.51 1.49 13.85
C HIS A 408 12.63 0.13 14.58
N PRO A 409 12.41 0.11 15.93
CA PRO A 409 12.43 -1.17 16.66
C PRO A 409 11.28 -2.09 16.25
N MET A 410 11.63 -3.27 15.75
CA MET A 410 10.64 -4.23 15.27
C MET A 410 11.18 -5.66 15.31
N VAL A 411 10.25 -6.61 15.36
CA VAL A 411 10.57 -8.02 15.21
C VAL A 411 9.66 -8.61 14.12
N ILE A 412 10.11 -9.69 13.48
CA ILE A 412 9.33 -10.36 12.44
C ILE A 412 8.76 -11.65 12.99
N SER A 413 7.47 -11.90 12.77
CA SER A 413 6.88 -13.19 13.13
C SER A 413 5.89 -13.66 12.06
N SER A 414 5.26 -14.81 12.29
CA SER A 414 4.44 -15.45 11.27
C SER A 414 2.96 -15.56 11.62
N ASP A 415 2.63 -15.38 12.91
CA ASP A 415 1.24 -15.17 13.34
C ASP A 415 0.39 -16.45 13.36
N ASP A 416 -0.05 -16.91 12.19
CA ASP A 416 -0.76 -18.19 12.05
C ASP A 416 -0.30 -18.88 10.77
N PRO A 417 1.00 -19.21 10.66
CA PRO A 417 1.57 -19.71 9.40
C PRO A 417 0.75 -20.84 8.78
N ALA A 418 0.34 -21.81 9.60
CA ALA A 418 -0.47 -22.94 9.16
C ALA A 418 -1.76 -22.57 8.38
N MET A 419 -2.41 -21.48 8.75
CA MET A 419 -3.65 -21.06 8.09
C MET A 419 -3.41 -20.47 6.71
N PHE A 420 -2.19 -19.99 6.51
CA PHE A 420 -1.79 -19.34 5.26
C PHE A 420 -1.03 -20.28 4.34
N GLY A 421 -0.74 -21.47 4.82
CA GLY A 421 0.06 -22.43 4.07
C GLY A 421 1.55 -22.18 4.22
N ALA A 422 1.93 -21.46 5.27
CA ALA A 422 3.34 -21.25 5.60
C ALA A 422 3.79 -22.20 6.71
N LYS A 423 5.07 -22.13 7.03
CA LYS A 423 5.66 -22.98 8.05
C LYS A 423 6.76 -22.18 8.76
N GLY A 424 6.73 -22.16 10.09
CA GLY A 424 7.76 -21.50 10.88
C GLY A 424 7.86 -20.01 10.62
N LEU A 425 9.06 -19.55 10.28
CA LEU A 425 9.35 -18.11 10.23
C LEU A 425 10.00 -17.63 8.92
N SER A 426 10.45 -18.57 8.09
CA SER A 426 11.29 -18.25 6.92
C SER A 426 10.56 -17.55 5.79
N TYR A 427 9.31 -17.94 5.57
CA TYR A 427 8.46 -17.29 4.57
C TYR A 427 8.28 -15.79 4.87
N ASP A 428 8.02 -15.47 6.13
CA ASP A 428 7.84 -14.08 6.54
C ASP A 428 9.15 -13.28 6.49
N PHE A 429 10.27 -13.93 6.79
CA PHE A 429 11.60 -13.33 6.61
C PHE A 429 11.89 -13.08 5.13
N TYR A 430 11.40 -13.95 4.26
CA TYR A 430 11.54 -13.74 2.81
C TYR A 430 10.81 -12.47 2.37
N GLU A 431 9.57 -12.32 2.83
CA GLU A 431 8.73 -11.21 2.44
C GLU A 431 9.32 -9.89 2.88
N VAL A 432 9.80 -9.86 4.12
CA VAL A 432 10.44 -8.67 4.67
C VAL A 432 11.69 -8.33 3.88
N PHE A 433 12.57 -9.32 3.72
CA PHE A 433 13.88 -9.12 3.11
C PHE A 433 13.83 -8.78 1.63
N MET A 434 12.90 -9.39 0.91
CA MET A 434 12.79 -9.17 -0.54
C MET A 434 11.75 -8.09 -0.90
N GLY A 435 10.64 -8.05 -0.17
CA GLY A 435 9.53 -7.17 -0.51
C GLY A 435 9.52 -5.86 0.24
N ILE A 436 9.42 -5.93 1.55
CA ILE A 436 9.27 -4.74 2.38
C ILE A 436 10.58 -3.95 2.51
N GLY A 437 11.69 -4.65 2.71
CA GLY A 437 12.99 -4.02 2.89
C GLY A 437 13.62 -3.41 1.65
N GLY A 438 13.17 -3.80 0.48
CA GLY A 438 13.71 -3.27 -0.78
C GLY A 438 15.05 -3.89 -1.12
N MET A 439 15.63 -3.46 -2.24
CA MET A 439 16.84 -4.11 -2.78
C MET A 439 18.09 -3.92 -1.91
N LYS A 440 18.12 -2.87 -1.10
CA LYS A 440 19.28 -2.55 -0.29
C LYS A 440 19.27 -3.21 1.10
N ALA A 441 18.21 -3.92 1.44
CA ALA A 441 18.20 -4.72 2.66
C ALA A 441 19.22 -5.85 2.51
N ASP A 442 20.14 -5.95 3.46
CA ASP A 442 21.26 -6.88 3.39
C ASP A 442 21.39 -7.81 4.61
N LEU A 443 22.57 -8.42 4.80
CA LEU A 443 22.82 -9.33 5.90
C LEU A 443 22.72 -8.62 7.26
N ARG A 444 23.00 -7.32 7.26
CA ARG A 444 22.87 -6.51 8.47
C ARG A 444 21.44 -6.41 8.95
N THR A 445 20.53 -6.16 8.00
CA THR A 445 19.09 -6.14 8.24
C THR A 445 18.64 -7.43 8.91
N LEU A 446 19.03 -8.56 8.31
CA LEU A 446 18.67 -9.88 8.82
C LEU A 446 19.19 -10.08 10.23
N LYS A 447 20.48 -9.79 10.41
CA LYS A 447 21.14 -9.98 11.68
C LYS A 447 20.48 -9.13 12.78
N GLN A 448 20.22 -7.87 12.48
CA GLN A 448 19.52 -6.98 13.40
C GLN A 448 18.15 -7.53 13.81
N LEU A 449 17.39 -8.03 12.84
CA LEU A 449 16.06 -8.60 13.11
C LEU A 449 16.12 -9.87 13.95
N ALA A 450 17.15 -10.69 13.73
CA ALA A 450 17.40 -11.87 14.57
C ALA A 450 17.70 -11.49 16.02
N MET A 451 18.58 -10.50 16.20
CA MET A 451 18.99 -10.08 17.53
C MET A 451 17.87 -9.34 18.25
N ASN A 452 17.14 -8.50 17.52
CA ASN A 452 15.95 -7.83 18.06
C ASN A 452 14.98 -8.79 18.72
N SER A 453 14.83 -9.98 18.14
CA SER A 453 13.87 -10.96 18.64
C SER A 453 14.30 -11.60 19.96
N ILE A 454 15.60 -11.50 20.27
CA ILE A 454 16.12 -11.92 21.57
C ILE A 454 16.00 -10.75 22.54
N LYS A 455 16.41 -9.56 22.09
CA LYS A 455 16.34 -8.34 22.88
C LYS A 455 14.92 -8.05 23.38
N TYR A 456 13.92 -8.15 22.50
CA TYR A 456 12.56 -7.75 22.87
C TYR A 456 11.68 -8.88 23.38
N SER A 457 12.28 -10.06 23.59
CA SER A 457 11.58 -11.15 24.27
C SER A 457 11.41 -10.82 25.76
N THR A 458 10.61 -11.63 26.46
CA THR A 458 10.32 -11.37 27.87
C THR A 458 11.19 -12.21 28.80
N LEU A 459 12.27 -12.77 28.27
CA LEU A 459 13.21 -13.52 29.07
C LEU A 459 13.96 -12.62 30.04
N LEU A 460 14.47 -13.21 31.12
CA LEU A 460 15.39 -12.50 32.01
C LEU A 460 16.66 -12.11 31.28
N GLU A 461 17.30 -11.02 31.71
CA GLU A 461 18.50 -10.52 31.07
C GLU A 461 19.63 -11.55 30.99
N SER A 462 19.77 -12.38 32.03
CA SER A 462 20.75 -13.47 32.03
C SER A 462 20.37 -14.62 31.10
N GLU A 463 19.08 -14.84 30.92
CA GLU A 463 18.59 -15.81 29.94
C GLU A 463 18.81 -15.28 28.51
N LYS A 464 18.66 -13.96 28.33
CA LYS A 464 18.95 -13.32 27.04
C LYS A 464 20.41 -13.51 26.62
N ASN A 465 21.34 -13.35 27.57
CA ASN A 465 22.77 -13.60 27.32
C ASN A 465 23.06 -15.01 26.86
N THR A 466 22.51 -16.00 27.58
CA THR A 466 22.65 -17.40 27.22
C THR A 466 22.09 -17.67 25.81
N PHE A 467 20.94 -17.05 25.51
CA PHE A 467 20.28 -17.13 24.21
C PHE A 467 21.18 -16.53 23.13
N MET A 468 21.72 -15.34 23.39
CA MET A 468 22.65 -14.68 22.47
C MET A 468 23.88 -15.56 22.18
N GLU A 469 24.44 -16.15 23.24
CA GLU A 469 25.56 -17.08 23.14
C GLU A 469 25.29 -18.25 22.19
N ILE A 470 24.15 -18.92 22.40
CA ILE A 470 23.72 -20.05 21.58
C ILE A 470 23.48 -19.62 20.13
N TRP A 471 22.79 -18.49 19.97
CA TRP A 471 22.48 -17.93 18.65
C TRP A 471 23.75 -17.53 17.86
N LYS A 472 24.71 -16.90 18.54
CA LYS A 472 25.97 -16.45 17.90
C LYS A 472 26.74 -17.61 17.27
N LYS A 473 26.76 -18.75 17.96
CA LYS A 473 27.41 -19.96 17.45
C LYS A 473 26.72 -20.52 16.22
N ARG A 474 25.39 -20.55 16.25
CA ARG A 474 24.61 -20.95 15.07
C ARG A 474 24.80 -19.97 13.92
N TRP A 475 24.98 -18.68 14.27
CA TRP A 475 25.19 -17.63 13.29
C TRP A 475 26.52 -17.81 12.54
N ASP A 476 27.61 -17.98 13.28
CA ASP A 476 28.91 -18.24 12.68
C ASP A 476 28.92 -19.43 11.73
N LYS A 477 28.27 -20.53 12.14
CA LYS A 477 28.10 -21.71 11.31
C LYS A 477 27.36 -21.38 10.02
N PHE A 478 26.30 -20.58 10.15
CA PHE A 478 25.50 -20.15 9.02
C PHE A 478 26.36 -19.30 8.07
N ILE A 479 27.09 -18.34 8.64
CA ILE A 479 28.00 -17.47 7.87
C ILE A 479 29.01 -18.27 7.04
N ALA A 480 29.64 -19.26 7.68
CA ALA A 480 30.65 -20.09 7.04
C ALA A 480 30.09 -20.92 5.89
N ASP A 481 28.86 -21.41 6.05
CA ASP A 481 28.14 -22.12 4.99
C ASP A 481 27.90 -21.24 3.77
N VAL A 482 27.29 -20.08 4.00
CA VAL A 482 26.89 -19.19 2.91
C VAL A 482 28.12 -18.65 2.19
N ALA A 483 29.19 -18.41 2.96
CA ALA A 483 30.46 -17.97 2.39
C ALA A 483 31.09 -19.05 1.49
N THR A 484 30.68 -20.31 1.66
CA THR A 484 31.04 -21.36 0.71
C THR A 484 29.80 -22.12 0.21
N SER B 3 -2.58 12.69 34.25
CA SER B 3 -1.19 12.90 33.75
C SER B 3 -0.90 12.07 32.49
N ILE B 4 -1.21 10.77 32.56
CA ILE B 4 -1.15 9.91 31.39
C ILE B 4 -2.19 10.38 30.36
N ASP B 5 -3.36 10.80 30.86
CA ASP B 5 -4.37 11.47 30.04
C ASP B 5 -3.81 12.68 29.31
N GLU B 6 -2.91 13.40 29.97
CA GLU B 6 -2.29 14.58 29.41
C GLU B 6 -1.28 14.22 28.32
N THR B 7 -0.56 13.12 28.52
CA THR B 7 0.39 12.61 27.53
C THR B 7 -0.37 12.20 26.27
N ARG B 8 -1.48 11.52 26.48
CA ARG B 8 -2.35 11.08 25.41
C ARG B 8 -2.91 12.27 24.61
N ALA B 9 -3.42 13.27 25.31
CA ALA B 9 -3.99 14.47 24.67
C ALA B 9 -2.92 15.27 23.93
N HIS B 10 -1.71 15.27 24.49
CA HIS B 10 -0.57 15.98 23.92
C HIS B 10 -0.15 15.37 22.57
N LEU B 11 -0.10 14.04 22.52
CA LEU B 11 0.25 13.31 21.30
C LEU B 11 -0.78 13.52 20.19
N LEU B 12 -2.06 13.52 20.57
CA LEU B 12 -3.14 13.81 19.61
C LEU B 12 -3.09 15.24 19.09
N LEU B 13 -2.79 16.20 19.97
CA LEU B 13 -2.67 17.60 19.54
C LEU B 13 -1.44 17.81 18.65
N LYS B 14 -0.34 17.13 18.97
CA LYS B 14 0.86 17.23 18.14
C LYS B 14 0.58 16.77 16.71
N GLU B 15 -0.10 15.63 16.58
CA GLU B 15 -0.48 15.09 15.27
C GLU B 15 -1.50 15.96 14.54
N LYS B 16 -2.39 16.59 15.31
CA LYS B 16 -3.34 17.55 14.76
C LYS B 16 -2.58 18.74 14.16
N MET B 17 -1.52 19.15 14.85
CA MET B 17 -0.72 20.30 14.45
C MET B 17 0.22 20.07 13.27
N MET B 18 0.82 18.89 13.20
CA MET B 18 1.82 18.65 12.15
C MET B 18 1.26 18.08 10.83
N ARG B 19 0.01 17.62 10.82
CA ARG B 19 -0.57 17.17 9.56
C ARG B 19 -0.83 18.36 8.65
N LEU B 20 -0.97 18.07 7.35
CA LEU B 20 -1.06 19.09 6.34
C LEU B 20 -2.18 20.07 6.63
N GLY B 21 -1.82 21.36 6.72
CA GLY B 21 -2.77 22.44 6.99
C GLY B 21 -3.16 22.62 8.45
N GLY B 22 -2.60 21.77 9.32
CA GLY B 22 -2.98 21.74 10.73
C GLY B 22 -2.78 23.01 11.54
N ARG B 23 -1.98 23.94 11.03
CA ARG B 23 -1.73 25.20 11.73
C ARG B 23 -2.43 26.41 11.13
N LEU B 24 -3.16 26.19 10.04
CA LEU B 24 -3.99 27.23 9.45
C LEU B 24 -5.06 27.63 10.45
N VAL B 25 -5.22 28.94 10.63
CA VAL B 25 -6.25 29.49 11.52
C VAL B 25 -7.53 29.70 10.71
N LEU B 26 -8.61 29.07 11.14
CA LEU B 26 -9.93 29.25 10.54
C LEU B 26 -10.71 30.39 11.20
N ASN B 27 -11.46 31.16 10.41
CA ASN B 27 -12.40 32.13 10.97
C ASN B 27 -13.73 31.44 11.27
N THR B 28 -14.65 32.15 11.93
CA THR B 28 -15.84 31.49 12.49
C THR B 28 -16.76 30.97 11.39
N LYS B 29 -16.73 31.63 10.24
CA LYS B 29 -17.47 31.20 9.07
C LYS B 29 -16.91 29.87 8.54
N GLU B 30 -15.59 29.79 8.47
CA GLU B 30 -14.89 28.59 8.01
C GLU B 30 -15.05 27.43 8.98
N GLU B 31 -15.01 27.73 10.29
CA GLU B 31 -15.28 26.75 11.34
C GLU B 31 -16.65 26.13 11.16
N LEU B 32 -17.62 26.96 10.78
CA LEU B 32 -18.99 26.51 10.56
C LEU B 32 -19.09 25.61 9.32
N ALA B 33 -18.44 26.00 8.23
CA ALA B 33 -18.36 25.19 7.02
C ALA B 33 -17.63 23.87 7.27
N ASN B 34 -16.56 23.93 8.06
CA ASN B 34 -15.83 22.73 8.42
C ASN B 34 -16.69 21.76 9.22
N GLU B 35 -17.46 22.30 10.15
CA GLU B 35 -18.35 21.50 10.98
C GLU B 35 -19.41 20.75 10.15
N ARG B 36 -19.97 21.43 9.16
CA ARG B 36 -20.95 20.81 8.28
C ARG B 36 -20.30 19.83 7.31
N LEU B 37 -19.14 20.22 6.75
CA LEU B 37 -18.32 19.31 5.94
C LEU B 37 -17.91 18.03 6.69
N MET B 38 -17.33 18.18 7.89
CA MET B 38 -16.91 17.02 8.68
C MET B 38 -18.04 16.08 9.07
N THR B 39 -19.20 16.64 9.41
CA THR B 39 -20.40 15.84 9.69
C THR B 39 -20.73 14.94 8.50
N LEU B 40 -20.74 15.52 7.31
CA LEU B 40 -21.02 14.76 6.08
C LEU B 40 -19.95 13.71 5.78
N LYS B 41 -18.69 14.06 6.06
CA LYS B 41 -17.57 13.14 5.90
C LYS B 41 -17.68 11.94 6.86
N ILE B 42 -17.78 12.22 8.15
CA ILE B 42 -17.88 11.20 9.18
C ILE B 42 -19.03 10.22 8.93
N ALA B 43 -20.23 10.74 8.65
CA ALA B 43 -21.38 9.91 8.32
C ALA B 43 -21.10 8.94 7.16
N GLU B 44 -20.45 9.46 6.13
CA GLU B 44 -20.14 8.69 4.94
C GLU B 44 -19.12 7.60 5.27
N MET B 45 -18.14 7.93 6.12
CA MET B 45 -17.15 6.96 6.56
C MET B 45 -17.70 5.89 7.51
N LYS B 46 -18.59 6.28 8.42
CA LYS B 46 -19.30 5.33 9.27
C LYS B 46 -20.02 4.25 8.45
N GLU B 47 -20.75 4.70 7.44
CA GLU B 47 -21.47 3.81 6.54
C GLU B 47 -20.52 2.88 5.77
N ALA B 48 -19.39 3.41 5.33
CA ALA B 48 -18.37 2.61 4.62
C ALA B 48 -17.67 1.60 5.54
N MET B 49 -17.51 1.97 6.80
CA MET B 49 -17.03 1.05 7.83
C MET B 49 -18.05 -0.06 8.11
N ARG B 50 -19.34 0.25 7.99
CA ARG B 50 -20.38 -0.76 8.17
C ARG B 50 -20.44 -1.74 6.99
N THR B 51 -20.54 -1.21 5.77
CA THR B 51 -20.76 -2.05 4.58
C THR B 51 -19.48 -2.51 3.90
N LEU B 52 -18.37 -1.82 4.19
CA LEU B 52 -17.09 -1.97 3.48
C LEU B 52 -17.13 -1.51 2.01
N ILE B 53 -18.22 -0.83 1.63
CA ILE B 53 -18.27 -0.16 0.35
C ILE B 53 -17.67 1.24 0.53
N PHE B 54 -16.35 1.32 0.30
CA PHE B 54 -15.57 2.56 0.48
C PHE B 54 -14.79 2.90 -0.78
N PRO B 55 -15.24 3.94 -1.51
CA PRO B 55 -14.72 4.19 -2.87
C PRO B 55 -13.19 4.24 -3.06
N PRO B 56 -12.44 4.98 -2.20
CA PRO B 56 -10.97 4.97 -2.38
C PRO B 56 -10.32 3.59 -2.31
N SER B 57 -10.94 2.66 -1.60
CA SER B 57 -10.43 1.30 -1.49
C SER B 57 -10.79 0.42 -2.69
N MET B 58 -11.75 0.84 -3.50
CA MET B 58 -12.11 0.11 -4.72
C MET B 58 -11.37 0.72 -5.90
N HIS B 59 -11.33 -0.02 -7.00
CA HIS B 59 -10.80 0.53 -8.25
C HIS B 59 -11.68 1.68 -8.73
N PHE B 60 -11.05 2.77 -9.13
CA PHE B 60 -11.80 3.97 -9.54
C PHE B 60 -12.87 3.74 -10.62
N PHE B 61 -12.62 2.78 -11.51
CA PHE B 61 -13.59 2.46 -12.55
C PHE B 61 -14.92 2.03 -11.94
N GLN B 62 -14.85 1.21 -10.90
CA GLN B 62 -16.05 0.72 -10.22
C GLN B 62 -16.57 1.70 -9.17
N ALA B 63 -15.69 2.54 -8.64
CA ALA B 63 -16.05 3.47 -7.55
C ALA B 63 -16.61 4.81 -8.03
N LYS B 64 -16.39 5.14 -9.29
CA LYS B 64 -16.73 6.46 -9.83
C LYS B 64 -18.20 6.85 -9.64
N HIS B 65 -19.11 5.95 -10.00
CA HIS B 65 -20.55 6.19 -9.84
C HIS B 65 -20.94 6.42 -8.37
N LEU B 66 -20.23 5.77 -7.45
CA LEU B 66 -20.46 5.96 -6.01
C LEU B 66 -19.93 7.32 -5.53
N ILE B 67 -18.78 7.73 -6.06
CA ILE B 67 -18.19 9.03 -5.72
C ILE B 67 -19.12 10.18 -6.17
N GLU B 68 -19.77 9.97 -7.31
CA GLU B 68 -20.71 10.94 -7.87
C GLU B 68 -21.98 11.12 -7.04
N ARG B 69 -22.32 10.12 -6.25
CA ARG B 69 -23.46 10.20 -5.32
C ARG B 69 -23.09 10.77 -3.95
N SER B 70 -21.83 11.17 -3.79
CA SER B 70 -21.33 11.60 -2.49
C SER B 70 -21.50 13.10 -2.25
N GLN B 71 -22.07 13.43 -1.10
CA GLN B 71 -22.25 14.82 -0.69
C GLN B 71 -20.90 15.50 -0.50
N VAL B 72 -19.89 14.72 -0.10
CA VAL B 72 -18.52 15.23 0.04
C VAL B 72 -17.94 15.62 -1.34
N PHE B 73 -18.07 14.72 -2.31
CA PHE B 73 -17.67 14.99 -3.68
C PHE B 73 -18.36 16.25 -4.20
N ASN B 74 -19.66 16.33 -3.99
CA ASN B 74 -20.45 17.49 -4.37
C ASN B 74 -19.83 18.79 -3.86
N ILE B 75 -19.52 18.83 -2.57
CA ILE B 75 -18.85 19.97 -1.96
C ILE B 75 -17.49 20.24 -2.59
N LEU B 76 -16.74 19.19 -2.90
CA LEU B 76 -15.42 19.35 -3.52
C LEU B 76 -15.49 19.86 -4.97
N ARG B 77 -16.57 19.52 -5.67
CA ARG B 77 -16.84 20.07 -7.00
C ARG B 77 -16.91 21.60 -6.93
N MET B 78 -17.58 22.09 -5.88
CA MET B 78 -17.79 23.53 -5.66
C MET B 78 -16.53 24.28 -5.28
N MET B 79 -15.56 23.57 -4.71
CA MET B 79 -14.39 24.20 -4.12
C MET B 79 -13.45 24.81 -5.16
N PRO B 80 -13.05 26.08 -4.94
CA PRO B 80 -11.99 26.68 -5.75
C PRO B 80 -10.65 26.00 -5.41
N LYS B 81 -10.18 25.16 -6.31
CA LYS B 81 -9.06 24.27 -6.00
C LYS B 81 -7.68 24.87 -6.31
N GLY B 82 -7.68 26.03 -6.97
CA GLY B 82 -6.45 26.73 -7.32
C GLY B 82 -5.96 26.36 -8.71
N ALA B 83 -4.83 25.65 -8.75
CA ALA B 83 -4.19 25.28 -10.02
C ALA B 83 -4.01 23.78 -10.22
N ALA B 84 -4.08 23.35 -11.47
CA ALA B 84 -3.76 21.99 -11.84
C ALA B 84 -2.32 22.04 -12.37
N LEU B 85 -1.40 21.45 -11.62
CA LEU B 85 0.02 21.52 -11.93
C LEU B 85 0.67 20.29 -12.61
N HIS B 86 0.00 19.14 -12.59
CA HIS B 86 0.51 17.95 -13.24
C HIS B 86 -0.52 17.42 -14.23
N LEU B 87 -0.33 17.76 -15.51
CA LEU B 87 -1.27 17.38 -16.57
C LEU B 87 -0.52 17.11 -17.85
N HIS B 88 -1.10 16.28 -18.70
CA HIS B 88 -0.51 15.98 -20.00
C HIS B 88 -1.34 16.51 -21.16
N ASP B 89 -0.65 16.95 -22.19
CA ASP B 89 -1.25 17.60 -23.37
C ASP B 89 -2.55 16.95 -23.86
N ILE B 90 -2.56 15.63 -24.01
CA ILE B 90 -3.71 14.97 -24.64
C ILE B 90 -4.51 14.02 -23.72
N GLY B 91 -4.46 14.27 -22.42
CA GLY B 91 -5.25 13.47 -21.48
C GLY B 91 -6.24 14.26 -20.65
N ILE B 92 -6.57 15.48 -21.08
CA ILE B 92 -7.29 16.43 -20.20
C ILE B 92 -8.71 16.82 -20.64
N VAL B 93 -9.23 16.18 -21.68
CA VAL B 93 -10.56 16.49 -22.20
C VAL B 93 -11.38 15.22 -22.32
N THR B 94 -12.58 15.22 -21.73
CA THR B 94 -13.48 14.07 -21.77
C THR B 94 -13.60 13.52 -23.19
N MET B 95 -13.38 12.21 -23.32
CA MET B 95 -13.34 11.54 -24.63
C MET B 95 -14.67 11.56 -25.37
N ASP B 96 -15.76 11.68 -24.61
CA ASP B 96 -17.11 11.86 -25.14
C ASP B 96 -17.09 12.86 -26.32
N TRP B 97 -16.52 14.03 -26.07
CA TRP B 97 -16.40 15.09 -27.07
C TRP B 97 -15.51 14.71 -28.26
N LEU B 98 -14.49 13.88 -28.04
CA LEU B 98 -13.66 13.41 -29.15
C LEU B 98 -14.44 12.56 -30.13
N VAL B 99 -15.28 11.66 -29.60
CA VAL B 99 -16.09 10.76 -30.43
C VAL B 99 -17.29 11.48 -31.03
N ARG B 100 -18.15 12.02 -30.16
CA ARG B 100 -19.42 12.64 -30.58
C ARG B 100 -19.26 13.88 -31.45
N ASN B 101 -18.23 14.68 -31.16
CA ASN B 101 -17.99 15.91 -31.90
C ASN B 101 -16.91 15.78 -32.98
N VAL B 102 -15.70 15.39 -32.58
CA VAL B 102 -14.55 15.43 -33.49
C VAL B 102 -14.62 14.39 -34.63
N THR B 103 -15.02 13.16 -34.34
CA THR B 103 -15.12 12.12 -35.37
C THR B 103 -16.25 12.39 -36.37
N TYR B 104 -17.13 13.32 -36.03
CA TYR B 104 -18.23 13.70 -36.90
C TYR B 104 -17.92 14.90 -37.80
N ARG B 105 -16.71 15.44 -37.65
CA ARG B 105 -16.27 16.57 -38.47
C ARG B 105 -15.82 16.10 -39.84
N PRO B 106 -16.05 16.92 -40.88
CA PRO B 106 -15.68 16.58 -42.25
C PRO B 106 -14.24 16.12 -42.40
N HIS B 107 -14.01 15.15 -43.28
CA HIS B 107 -12.69 14.70 -43.72
C HIS B 107 -11.98 13.77 -42.73
N CYS B 108 -12.69 13.30 -41.72
CA CYS B 108 -12.16 12.36 -40.74
C CYS B 108 -12.03 10.95 -41.35
N HIS B 109 -10.82 10.41 -41.33
CA HIS B 109 -10.57 9.06 -41.84
C HIS B 109 -10.13 8.13 -40.73
N ILE B 110 -10.52 6.86 -40.84
CA ILE B 110 -10.12 5.84 -39.87
C ILE B 110 -9.30 4.77 -40.57
N CYS B 111 -8.45 4.11 -39.80
CA CYS B 111 -7.62 3.02 -40.30
C CYS B 111 -7.23 2.04 -39.20
N PHE B 112 -6.65 0.91 -39.63
CA PHE B 112 -6.12 -0.10 -38.73
C PHE B 112 -4.76 -0.61 -39.21
N THR B 113 -3.75 -0.49 -38.34
CA THR B 113 -2.40 -0.98 -38.59
C THR B 113 -2.40 -2.46 -38.93
N PRO B 114 -1.36 -2.95 -39.63
CA PRO B 114 -1.20 -4.40 -39.78
C PRO B 114 -1.60 -5.16 -38.51
N ARG B 115 -1.31 -4.59 -37.34
CA ARG B 115 -1.59 -5.24 -36.06
C ARG B 115 -3.00 -5.08 -35.55
N GLY B 116 -3.76 -4.17 -36.12
CA GLY B 116 -5.15 -3.94 -35.70
C GLY B 116 -5.32 -2.78 -34.75
N ILE B 117 -4.28 -1.96 -34.59
CA ILE B 117 -4.41 -0.74 -33.80
C ILE B 117 -5.14 0.35 -34.60
N MET B 118 -6.20 0.88 -33.99
CA MET B 118 -6.96 1.99 -34.55
C MET B 118 -6.11 3.24 -34.68
N GLN B 119 -6.48 4.10 -35.64
CA GLN B 119 -5.69 5.29 -35.96
C GLN B 119 -6.50 6.22 -36.86
N PHE B 120 -6.25 7.52 -36.73
CA PHE B 120 -7.08 8.53 -37.39
C PHE B 120 -6.27 9.57 -38.16
N ARG B 121 -6.90 10.16 -39.17
CA ARG B 121 -6.32 11.27 -39.91
C ARG B 121 -7.38 12.11 -40.61
N PHE B 122 -7.28 13.43 -40.45
CA PHE B 122 -8.06 14.36 -41.25
C PHE B 122 -7.28 14.68 -42.52
N ALA B 123 -7.91 14.44 -43.67
CA ALA B 123 -7.28 14.67 -44.98
C ALA B 123 -8.31 14.81 -46.10
N HIS B 124 -7.89 15.43 -47.21
CA HIS B 124 -8.67 15.48 -48.44
C HIS B 124 -7.70 15.54 -49.61
N PRO B 125 -7.78 14.57 -50.53
CA PRO B 125 -8.70 13.44 -50.48
C PRO B 125 -8.16 12.31 -49.58
N THR B 126 -8.81 11.15 -49.63
CA THR B 126 -8.36 9.98 -48.88
C THR B 126 -6.86 9.72 -49.04
N PRO B 127 -6.13 9.66 -47.91
CA PRO B 127 -4.68 9.40 -47.91
C PRO B 127 -4.29 8.17 -48.75
N ARG B 128 -3.02 8.14 -49.15
CA ARG B 128 -2.50 7.02 -49.95
C ARG B 128 -2.12 5.88 -49.00
N PRO B 129 -2.53 4.64 -49.34
CA PRO B 129 -2.18 3.48 -48.52
C PRO B 129 -0.68 3.41 -48.24
N SER B 130 -0.29 3.50 -46.98
CA SER B 130 1.12 3.48 -46.60
C SER B 130 1.45 2.22 -45.82
N GLU B 131 2.71 2.12 -45.37
CA GLU B 131 3.17 0.91 -44.69
C GLU B 131 2.90 0.97 -43.18
N LYS B 132 1.65 1.28 -42.84
CA LYS B 132 1.15 1.36 -41.46
C LYS B 132 -0.38 1.41 -41.53
N CYS B 133 -0.88 1.33 -42.76
CA CYS B 133 -2.30 1.48 -43.05
C CYS B 133 -2.62 1.00 -44.47
N SER B 134 -3.18 -0.20 -44.57
CA SER B 134 -3.45 -0.80 -45.89
C SER B 134 -4.55 -0.05 -46.64
N LYS B 135 -5.54 0.49 -45.91
CA LYS B 135 -6.56 1.36 -46.49
C LYS B 135 -7.14 2.33 -45.47
N TRP B 136 -7.28 3.58 -45.90
CA TRP B 136 -7.98 4.59 -45.12
C TRP B 136 -9.44 4.65 -45.56
N ILE B 137 -10.32 4.91 -44.59
CA ILE B 137 -11.76 4.90 -44.82
C ILE B 137 -12.42 6.10 -44.13
N LEU B 138 -13.12 6.91 -44.92
CA LEU B 138 -13.83 8.08 -44.42
C LEU B 138 -14.93 7.67 -43.44
N LEU B 139 -14.96 8.29 -42.26
CA LEU B 139 -15.94 7.96 -41.22
C LEU B 139 -17.39 8.10 -41.67
N GLU B 140 -17.67 9.09 -42.51
CA GLU B 140 -19.03 9.31 -43.03
C GLU B 140 -19.53 8.16 -43.91
N ASP B 141 -18.62 7.47 -44.58
CA ASP B 141 -18.95 6.26 -45.33
C ASP B 141 -19.17 5.09 -44.37
N TYR B 142 -18.27 4.95 -43.40
CA TYR B 142 -18.28 3.83 -42.45
C TYR B 142 -19.56 3.78 -41.62
N ARG B 143 -20.06 4.94 -41.22
CA ARG B 143 -21.26 5.04 -40.39
C ARG B 143 -22.53 4.69 -41.16
N LYS B 144 -22.49 4.86 -42.48
CA LYS B 144 -23.60 4.50 -43.34
C LYS B 144 -23.74 2.99 -43.50
N ARG B 145 -22.61 2.29 -43.53
CA ARG B 145 -22.58 0.84 -43.76
C ARG B 145 -22.84 -0.02 -42.52
N VAL B 146 -22.87 0.58 -41.33
CA VAL B 146 -23.06 -0.19 -40.09
C VAL B 146 -24.51 -0.21 -39.63
N GLN B 147 -24.94 -1.35 -39.10
CA GLN B 147 -26.30 -1.52 -38.60
C GLN B 147 -26.61 -0.55 -37.45
N ASN B 148 -25.88 -0.68 -36.35
CA ASN B 148 -26.07 0.17 -35.17
C ASN B 148 -24.96 1.20 -35.06
N VAL B 149 -25.28 2.45 -35.38
CA VAL B 149 -24.31 3.55 -35.36
C VAL B 149 -23.89 3.91 -33.93
N THR B 150 -24.87 3.93 -33.01
CA THR B 150 -24.61 4.26 -31.61
C THR B 150 -23.68 3.25 -30.94
N GLU B 151 -23.72 2.01 -31.39
CA GLU B 151 -22.83 0.95 -30.90
C GLU B 151 -21.41 1.10 -31.43
N PHE B 152 -21.28 1.42 -32.72
CA PHE B 152 -20.00 1.71 -33.35
C PHE B 152 -19.30 2.88 -32.67
N ASP B 153 -20.09 3.90 -32.32
CA ASP B 153 -19.57 5.08 -31.63
C ASP B 153 -19.08 4.74 -30.22
N ASP B 154 -19.86 3.96 -29.49
CA ASP B 154 -19.48 3.48 -28.15
C ASP B 154 -18.22 2.64 -28.17
N SER B 155 -18.00 1.90 -29.26
CA SER B 155 -16.81 1.06 -29.38
C SER B 155 -15.57 1.92 -29.59
N LEU B 156 -15.78 3.12 -30.13
CA LEU B 156 -14.71 4.12 -30.25
C LEU B 156 -14.40 4.73 -28.88
N LEU B 157 -15.44 5.04 -28.11
CA LEU B 157 -15.28 5.57 -26.75
C LEU B 157 -14.55 4.58 -25.84
N ARG B 158 -14.82 3.29 -26.02
CA ARG B 158 -14.19 2.23 -25.23
C ARG B 158 -12.74 2.01 -25.61
N ASN B 159 -12.37 2.48 -26.80
CA ASN B 159 -10.99 2.36 -27.25
C ASN B 159 -10.15 3.60 -26.91
N PHE B 160 -10.81 4.65 -26.42
CA PHE B 160 -10.18 5.94 -26.14
C PHE B 160 -9.87 6.12 -24.65
N THR B 161 -10.33 5.20 -23.81
CA THR B 161 -10.02 5.24 -22.38
C THR B 161 -9.64 3.86 -21.87
N LEU B 162 -9.14 3.84 -20.63
CA LEU B 162 -8.75 2.60 -19.96
C LEU B 162 -9.93 2.01 -19.21
N VAL B 163 -10.96 2.83 -19.00
CA VAL B 163 -12.16 2.45 -18.24
C VAL B 163 -12.72 1.13 -18.75
N THR B 164 -12.96 0.21 -17.83
CA THR B 164 -13.47 -1.11 -18.13
C THR B 164 -14.01 -1.75 -16.86
N GLN B 165 -14.91 -2.71 -17.02
CA GLN B 165 -15.25 -3.59 -15.93
C GLN B 165 -14.08 -4.54 -15.77
N HIS B 166 -13.93 -5.07 -14.56
CA HIS B 166 -12.88 -6.06 -14.27
C HIS B 166 -11.48 -5.67 -14.77
N PRO B 167 -10.99 -4.49 -14.34
CA PRO B 167 -9.63 -4.08 -14.73
C PRO B 167 -8.56 -5.02 -14.18
N GLU B 168 -8.88 -5.76 -13.11
CA GLU B 168 -7.98 -6.76 -12.53
C GLU B 168 -7.71 -7.92 -13.48
N VAL B 169 -8.68 -8.22 -14.35
CA VAL B 169 -8.57 -9.29 -15.34
C VAL B 169 -7.98 -8.76 -16.65
N ILE B 170 -8.43 -7.58 -17.09
CA ILE B 170 -7.95 -6.99 -18.34
C ILE B 170 -6.46 -6.62 -18.24
N TYR B 171 -6.08 -5.93 -17.18
CA TYR B 171 -4.71 -5.46 -16.99
C TYR B 171 -4.01 -6.31 -15.95
N THR B 172 -3.43 -7.42 -16.39
CA THR B 172 -2.88 -8.42 -15.48
C THR B 172 -1.64 -7.91 -14.72
N ASN B 173 -0.86 -7.05 -15.37
CA ASN B 173 0.33 -6.45 -14.78
C ASN B 173 0.55 -5.00 -15.22
N GLN B 174 1.63 -4.40 -14.73
CA GLN B 174 1.92 -3.01 -15.01
C GLN B 174 2.38 -2.75 -16.44
N ASN B 175 3.00 -3.77 -17.06
CA ASN B 175 3.40 -3.65 -18.46
C ASN B 175 2.20 -3.66 -19.40
N VAL B 176 1.24 -4.53 -19.13
CA VAL B 176 0.02 -4.58 -19.93
C VAL B 176 -0.74 -3.25 -19.86
N VAL B 177 -0.92 -2.71 -18.66
CA VAL B 177 -1.63 -1.43 -18.52
C VAL B 177 -0.90 -0.28 -19.22
N TRP B 178 0.43 -0.27 -19.14
CA TRP B 178 1.22 0.78 -19.80
C TRP B 178 1.18 0.63 -21.32
N SER B 179 1.12 -0.62 -21.78
CA SER B 179 0.98 -0.93 -23.19
C SER B 179 -0.32 -0.34 -23.75
N LYS B 180 -1.44 -0.59 -23.06
CA LYS B 180 -2.74 -0.04 -23.46
C LYS B 180 -2.79 1.48 -23.35
N PHE B 181 -2.23 2.00 -22.25
CA PHE B 181 -2.11 3.44 -21.98
C PHE B 181 -1.51 4.19 -23.18
N GLU B 182 -0.28 3.81 -23.53
CA GLU B 182 0.44 4.42 -24.64
C GLU B 182 -0.28 4.23 -25.99
N THR B 183 -0.89 3.07 -26.19
CA THR B 183 -1.67 2.80 -27.41
C THR B 183 -2.83 3.78 -27.58
N ILE B 184 -3.47 4.16 -26.48
CA ILE B 184 -4.51 5.19 -26.51
C ILE B 184 -3.97 6.53 -27.01
N PHE B 185 -2.85 6.97 -26.44
CA PHE B 185 -2.19 8.21 -26.89
C PHE B 185 -1.92 8.15 -28.40
N PHE B 186 -1.39 7.03 -28.87
CA PHE B 186 -1.12 6.82 -30.30
C PHE B 186 -2.40 6.97 -31.14
N THR B 187 -3.48 6.32 -30.70
CA THR B 187 -4.75 6.28 -31.42
C THR B 187 -5.37 7.68 -31.57
N ILE B 188 -5.54 8.38 -30.45
CA ILE B 188 -6.22 9.68 -30.45
C ILE B 188 -5.35 10.80 -31.00
N SER B 189 -4.08 10.50 -31.23
CA SER B 189 -3.11 11.50 -31.66
C SER B 189 -3.49 12.19 -32.97
N GLY B 190 -3.84 11.39 -33.98
CA GLY B 190 -4.21 11.91 -35.31
C GLY B 190 -5.44 12.79 -35.29
N LEU B 191 -6.33 12.55 -34.31
CA LEU B 191 -7.50 13.40 -34.14
C LEU B 191 -7.12 14.77 -33.60
N ILE B 192 -6.29 14.80 -32.55
CA ILE B 192 -6.06 16.02 -31.79
C ILE B 192 -5.07 16.97 -32.48
N HIS B 193 -4.15 16.42 -33.26
CA HIS B 193 -3.08 17.21 -33.89
C HIS B 193 -3.43 17.84 -35.25
N TYR B 194 -4.68 17.70 -35.67
CA TYR B 194 -5.20 18.43 -36.82
C TYR B 194 -5.55 19.85 -36.34
N ALA B 195 -5.02 20.85 -37.03
CA ALA B 195 -4.97 22.23 -36.52
C ALA B 195 -6.25 22.79 -35.90
N PRO B 196 -7.40 22.73 -36.61
CA PRO B 196 -8.59 23.32 -35.95
C PRO B 196 -9.17 22.51 -34.79
N VAL B 197 -8.87 21.21 -34.74
CA VAL B 197 -9.23 20.41 -33.57
C VAL B 197 -8.31 20.77 -32.40
N PHE B 198 -7.02 20.93 -32.69
CA PHE B 198 -6.01 21.30 -31.69
C PHE B 198 -6.43 22.55 -30.92
N ARG B 199 -6.77 23.61 -31.65
CA ARG B 199 -7.27 24.84 -31.02
C ARG B 199 -8.51 24.58 -30.15
N ASP B 200 -9.47 23.84 -30.70
CA ASP B 200 -10.70 23.52 -29.99
C ASP B 200 -10.43 22.67 -28.75
N TYR B 201 -9.51 21.71 -28.89
CA TYR B 201 -9.09 20.86 -27.78
C TYR B 201 -8.52 21.67 -26.62
N VAL B 202 -7.53 22.52 -26.91
CA VAL B 202 -6.90 23.36 -25.90
C VAL B 202 -7.95 24.18 -25.18
N PHE B 203 -8.81 24.85 -25.96
CA PHE B 203 -9.88 25.68 -25.45
C PHE B 203 -10.85 24.90 -24.55
N ARG B 204 -11.23 23.70 -24.99
CA ARG B 204 -12.15 22.89 -24.22
C ARG B 204 -11.57 22.41 -22.88
N SER B 205 -10.28 22.08 -22.86
CA SER B 205 -9.62 21.68 -21.61
C SER B 205 -9.66 22.80 -20.57
N MET B 206 -9.56 24.04 -21.03
CA MET B 206 -9.74 25.19 -20.14
C MET B 206 -11.20 25.29 -19.67
N GLN B 207 -12.15 25.08 -20.58
CA GLN B 207 -13.56 25.03 -20.22
C GLN B 207 -13.84 24.01 -19.12
N GLU B 208 -13.33 22.79 -19.32
CA GLU B 208 -13.56 21.70 -18.35
C GLU B 208 -12.94 21.93 -16.98
N PHE B 209 -11.72 22.47 -16.95
CA PHE B 209 -11.09 22.80 -15.69
C PHE B 209 -11.70 24.04 -15.04
N TYR B 210 -12.08 25.02 -15.86
CA TYR B 210 -12.75 26.21 -15.35
C TYR B 210 -14.11 25.83 -14.73
N GLU B 211 -14.83 24.96 -15.41
CA GLU B 211 -16.08 24.41 -14.92
C GLU B 211 -15.88 23.66 -13.58
N ASP B 212 -14.71 23.06 -13.37
CA ASP B 212 -14.40 22.35 -12.13
C ASP B 212 -13.85 23.30 -11.07
N ASN B 213 -13.88 24.61 -11.36
CA ASN B 213 -13.44 25.66 -10.43
C ASN B 213 -11.90 25.64 -10.21
N VAL B 214 -11.19 25.37 -11.30
CA VAL B 214 -9.73 25.42 -11.33
C VAL B 214 -9.34 26.56 -12.28
N LEU B 215 -8.43 27.43 -11.85
CA LEU B 215 -8.21 28.69 -12.57
C LEU B 215 -6.88 28.80 -13.33
N TYR B 216 -6.00 27.82 -13.14
CA TYR B 216 -4.67 27.85 -13.76
C TYR B 216 -4.19 26.44 -14.07
N MET B 217 -3.45 26.30 -15.16
CA MET B 217 -2.98 25.00 -15.64
C MET B 217 -1.52 25.06 -16.13
N GLU B 218 -0.70 24.14 -15.65
CA GLU B 218 0.62 23.91 -16.24
C GLU B 218 0.63 22.51 -16.87
N ILE B 219 1.00 22.44 -18.15
CA ILE B 219 0.80 21.25 -18.98
C ILE B 219 2.12 20.67 -19.49
N ARG B 220 2.39 19.39 -19.23
CA ARG B 220 3.48 18.66 -19.90
C ARG B 220 3.08 18.37 -21.34
N ALA B 221 3.81 18.96 -22.29
CA ALA B 221 3.45 18.89 -23.70
C ALA B 221 4.60 18.38 -24.56
N ARG B 222 4.31 17.33 -25.34
CA ARG B 222 5.27 16.77 -26.28
C ARG B 222 5.51 17.71 -27.46
N LEU B 223 4.53 18.58 -27.72
CA LEU B 223 4.57 19.53 -28.85
C LEU B 223 4.84 18.81 -30.17
N LEU B 224 4.13 17.72 -30.40
CA LEU B 224 4.23 16.96 -31.63
C LEU B 224 3.75 17.85 -32.78
N PRO B 225 4.18 17.58 -34.03
CA PRO B 225 3.76 18.46 -35.13
C PRO B 225 2.24 18.50 -35.36
N VAL B 226 1.69 19.71 -35.37
CA VAL B 226 0.28 19.93 -35.71
C VAL B 226 0.19 20.09 -37.24
N TYR B 227 -0.86 19.54 -37.83
CA TYR B 227 -0.94 19.45 -39.30
C TYR B 227 -2.22 20.02 -39.91
N GLU B 228 -2.16 20.36 -41.20
CA GLU B 228 -3.28 20.95 -41.92
C GLU B 228 -3.83 19.96 -42.94
N LEU B 229 -5.00 20.28 -43.51
CA LEU B 229 -5.63 19.45 -44.56
C LEU B 229 -4.73 19.25 -45.78
N SER B 230 -3.94 20.28 -46.09
CA SER B 230 -2.95 20.22 -47.17
C SER B 230 -1.88 19.15 -46.95
N GLY B 231 -1.56 18.89 -45.68
CA GLY B 231 -0.51 17.95 -45.31
C GLY B 231 0.71 18.63 -44.73
N GLU B 232 0.71 19.96 -44.73
CA GLU B 232 1.74 20.76 -44.06
C GLU B 232 1.80 20.49 -42.54
N HIS B 233 3.02 20.48 -42.01
CA HIS B 233 3.26 20.27 -40.58
C HIS B 233 3.77 21.57 -39.97
N HIS B 234 3.29 21.90 -38.78
CA HIS B 234 3.82 23.04 -38.03
C HIS B 234 4.93 22.58 -37.08
N ASP B 235 5.67 23.52 -36.50
CA ASP B 235 6.76 23.18 -35.59
C ASP B 235 6.45 23.49 -34.12
N GLU B 236 7.44 23.26 -33.26
CA GLU B 236 7.31 23.51 -31.81
C GLU B 236 6.93 24.95 -31.48
N GLU B 237 7.64 25.92 -32.08
CA GLU B 237 7.32 27.34 -31.95
C GLU B 237 5.82 27.61 -32.18
N TRP B 238 5.32 27.08 -33.30
CA TRP B 238 3.92 27.26 -33.71
C TRP B 238 2.92 26.72 -32.66
N SER B 239 3.23 25.57 -32.07
CA SER B 239 2.38 25.00 -31.01
C SER B 239 2.38 25.86 -29.74
N VAL B 240 3.54 26.36 -29.34
CA VAL B 240 3.65 27.23 -28.17
C VAL B 240 2.91 28.55 -28.41
N LYS B 241 3.03 29.09 -29.63
CA LYS B 241 2.31 30.30 -30.04
C LYS B 241 0.80 30.08 -29.92
N THR B 242 0.34 28.95 -30.45
CA THR B 242 -1.07 28.57 -30.40
C THR B 242 -1.60 28.39 -28.95
N TYR B 243 -0.84 27.71 -28.09
CA TYR B 243 -1.24 27.57 -26.70
C TYR B 243 -1.46 28.94 -26.08
N GLN B 244 -0.46 29.81 -26.24
CA GLN B 244 -0.54 31.19 -25.76
C GLN B 244 -1.82 31.88 -26.28
N GLU B 245 -2.03 31.77 -27.60
CA GLU B 245 -3.13 32.46 -28.28
C GLU B 245 -4.50 31.98 -27.85
N VAL B 246 -4.68 30.66 -27.78
CA VAL B 246 -5.94 30.10 -27.33
C VAL B 246 -6.22 30.47 -25.86
N ALA B 247 -5.18 30.44 -25.03
CA ALA B 247 -5.30 30.81 -23.61
C ALA B 247 -5.69 32.28 -23.44
N GLN B 248 -5.11 33.15 -24.27
CA GLN B 248 -5.50 34.57 -24.29
C GLN B 248 -6.96 34.74 -24.67
N LYS B 249 -7.39 34.05 -25.72
CA LYS B 249 -8.79 34.04 -26.14
C LYS B 249 -9.73 33.56 -25.03
N PHE B 250 -9.31 32.51 -24.31
CA PHE B 250 -10.10 31.99 -23.20
C PHE B 250 -10.19 32.98 -22.03
N VAL B 251 -9.06 33.60 -21.68
CA VAL B 251 -9.00 34.54 -20.56
C VAL B 251 -9.82 35.80 -20.85
N GLU B 252 -10.00 36.11 -22.13
CA GLU B 252 -10.79 37.26 -22.56
C GLU B 252 -12.27 37.10 -22.26
N THR B 253 -12.77 35.86 -22.32
CA THR B 253 -14.17 35.58 -22.02
C THR B 253 -14.37 34.93 -20.66
N HIS B 254 -13.27 34.79 -19.92
CA HIS B 254 -13.29 34.28 -18.54
C HIS B 254 -12.19 35.03 -17.77
N PRO B 255 -12.48 36.27 -17.35
CA PRO B 255 -11.48 37.19 -16.78
C PRO B 255 -10.82 36.70 -15.47
N GLU B 256 -11.42 35.72 -14.80
CA GLU B 256 -10.84 35.16 -13.57
C GLU B 256 -9.82 34.04 -13.81
N PHE B 257 -9.89 33.40 -14.98
CA PHE B 257 -8.92 32.38 -15.36
C PHE B 257 -7.54 33.01 -15.60
N ILE B 258 -6.52 32.48 -14.95
CA ILE B 258 -5.16 33.02 -14.99
C ILE B 258 -4.43 32.71 -16.31
N GLY B 259 -4.63 31.52 -16.84
CA GLY B 259 -3.97 31.12 -18.10
C GLY B 259 -3.32 29.75 -18.03
N ILE B 260 -2.50 29.43 -19.02
CA ILE B 260 -1.74 28.19 -19.01
C ILE B 260 -0.26 28.44 -19.27
N LYS B 261 0.58 27.58 -18.71
CA LYS B 261 1.98 27.51 -19.09
C LYS B 261 2.31 26.10 -19.59
N ILE B 262 3.41 25.99 -20.32
CA ILE B 262 3.82 24.74 -20.94
C ILE B 262 5.15 24.25 -20.36
N ILE B 263 5.16 22.99 -19.94
CA ILE B 263 6.41 22.28 -19.62
C ILE B 263 6.68 21.34 -20.79
N TYR B 264 7.72 21.64 -21.55
CA TYR B 264 8.09 20.83 -22.70
C TYR B 264 8.62 19.47 -22.27
N SER B 265 8.20 18.42 -22.97
CA SER B 265 8.53 17.06 -22.55
C SER B 265 8.85 16.10 -23.70
N ASP B 266 9.65 15.09 -23.38
CA ASP B 266 10.03 14.06 -24.33
C ASP B 266 10.10 12.72 -23.60
N HIS B 267 10.00 11.63 -24.35
CA HIS B 267 9.94 10.28 -23.80
C HIS B 267 11.27 9.76 -23.31
N ARG B 268 11.26 9.17 -22.13
CA ARG B 268 12.45 8.65 -21.48
C ARG B 268 12.97 7.33 -22.08
N SER B 269 12.38 6.90 -23.19
CA SER B 269 12.82 5.68 -23.86
C SER B 269 13.80 5.98 -25.01
N LYS B 270 14.24 7.22 -25.09
CA LYS B 270 15.05 7.68 -26.20
C LYS B 270 16.54 7.83 -25.88
N ASP B 271 17.35 7.84 -26.92
CA ASP B 271 18.79 7.95 -26.79
C ASP B 271 19.19 9.28 -26.20
N VAL B 272 20.22 9.26 -25.35
CA VAL B 272 20.73 10.49 -24.74
C VAL B 272 20.98 11.60 -25.77
N ALA B 273 21.40 11.21 -26.98
CA ALA B 273 21.65 12.16 -28.06
C ALA B 273 20.38 12.86 -28.55
N VAL B 274 19.30 12.10 -28.69
CA VAL B 274 17.98 12.63 -29.04
C VAL B 274 17.48 13.58 -27.92
N ILE B 275 17.70 13.16 -26.67
CA ILE B 275 17.28 13.96 -25.53
C ILE B 275 18.09 15.25 -25.40
N ALA B 276 19.39 15.18 -25.74
CA ALA B 276 20.26 16.37 -25.86
C ALA B 276 19.71 17.38 -26.87
N GLU B 277 19.24 16.88 -28.01
CA GLU B 277 18.55 17.68 -29.02
C GLU B 277 17.29 18.36 -28.44
N SER B 278 16.53 17.62 -27.63
CA SER B 278 15.29 18.12 -26.99
C SER B 278 15.56 19.18 -25.92
N ILE B 279 16.68 19.06 -25.23
CA ILE B 279 17.11 20.03 -24.22
C ILE B 279 17.41 21.40 -24.87
N ARG B 280 18.03 21.37 -26.05
CA ARG B 280 18.34 22.60 -26.77
C ARG B 280 17.10 23.30 -27.26
N MET B 281 16.14 22.51 -27.74
CA MET B 281 14.83 22.99 -28.14
C MET B 281 14.17 23.73 -26.96
N ALA B 282 14.22 23.11 -25.78
CA ALA B 282 13.64 23.67 -24.56
C ALA B 282 14.24 25.02 -24.16
N MET B 283 15.57 25.11 -24.26
CA MET B 283 16.27 26.36 -24.02
C MET B 283 15.84 27.41 -25.03
N GLY B 284 15.78 27.02 -26.31
CA GLY B 284 15.33 27.90 -27.38
C GLY B 284 13.92 28.39 -27.16
N LEU B 285 13.04 27.49 -26.72
CA LEU B 285 11.65 27.82 -26.44
C LEU B 285 11.50 28.76 -25.26
N ARG B 286 12.38 28.62 -24.26
CA ARG B 286 12.42 29.52 -23.10
C ARG B 286 12.81 30.94 -23.49
N ILE B 287 13.85 31.06 -24.33
CA ILE B 287 14.29 32.34 -24.86
C ILE B 287 13.17 33.01 -25.65
N LYS B 288 12.60 32.28 -26.61
CA LYS B 288 11.51 32.78 -27.45
C LYS B 288 10.22 33.08 -26.68
N PHE B 289 9.88 32.25 -25.69
CA PHE B 289 8.62 32.40 -24.95
C PHE B 289 8.80 32.30 -23.43
N PRO B 290 9.50 33.27 -22.80
CA PRO B 290 9.83 33.13 -21.38
C PRO B 290 8.60 33.20 -20.48
N THR B 291 7.50 33.68 -21.05
CA THR B 291 6.23 33.85 -20.35
C THR B 291 5.34 32.61 -20.46
N VAL B 292 5.59 31.78 -21.48
CA VAL B 292 4.74 30.62 -21.75
C VAL B 292 5.38 29.28 -21.34
N VAL B 293 6.69 29.14 -21.59
CA VAL B 293 7.38 27.86 -21.40
C VAL B 293 8.14 27.81 -20.06
N ALA B 294 7.61 27.03 -19.13
CA ALA B 294 8.15 26.98 -17.76
C ALA B 294 9.45 26.18 -17.65
N GLY B 295 9.66 25.22 -18.54
CA GLY B 295 10.83 24.36 -18.47
C GLY B 295 10.69 23.02 -19.18
N PHE B 296 11.30 21.99 -18.62
CA PHE B 296 11.43 20.69 -19.29
C PHE B 296 11.18 19.51 -18.34
N ASP B 297 10.74 18.38 -18.90
CA ASP B 297 10.46 17.14 -18.17
C ASP B 297 10.67 15.90 -19.07
N LEU B 298 10.96 14.76 -18.45
CA LEU B 298 11.03 13.49 -19.14
C LEU B 298 9.87 12.61 -18.69
N VAL B 299 9.14 12.07 -19.67
CA VAL B 299 7.91 11.32 -19.39
C VAL B 299 7.99 9.88 -19.91
N GLY B 300 6.94 9.11 -19.68
CA GLY B 300 6.90 7.71 -20.13
C GLY B 300 7.00 6.75 -18.96
N HIS B 301 6.92 5.45 -19.26
CA HIS B 301 7.04 4.38 -18.26
C HIS B 301 8.43 4.44 -17.61
N GLU B 302 8.46 4.82 -16.33
CA GLU B 302 9.71 5.06 -15.62
C GLU B 302 10.49 3.78 -15.32
N ASP B 303 9.78 2.71 -14.99
CA ASP B 303 10.40 1.42 -14.70
C ASP B 303 11.22 0.87 -15.86
N THR B 304 10.73 1.04 -17.09
CA THR B 304 11.31 0.38 -18.27
C THR B 304 12.24 1.28 -19.12
N GLY B 305 12.18 2.59 -18.91
CA GLY B 305 12.98 3.54 -19.70
C GLY B 305 14.31 3.87 -19.05
N HIS B 306 15.01 4.86 -19.60
CA HIS B 306 16.29 5.31 -19.04
C HIS B 306 16.07 6.07 -17.72
N SER B 307 17.10 6.08 -16.87
CA SER B 307 17.08 6.83 -15.63
C SER B 307 17.63 8.25 -15.84
N LEU B 308 17.39 9.12 -14.88
CA LEU B 308 17.91 10.48 -14.96
C LEU B 308 19.44 10.48 -15.00
N HIS B 309 20.04 9.53 -14.27
CA HIS B 309 21.49 9.37 -14.30
C HIS B 309 21.98 9.05 -15.71
N ASP B 310 21.32 8.10 -16.37
CA ASP B 310 21.62 7.74 -17.76
C ASP B 310 21.72 8.97 -18.66
N TYR B 311 20.89 9.97 -18.37
CA TYR B 311 20.81 11.19 -19.15
C TYR B 311 21.69 12.34 -18.67
N LYS B 312 22.52 12.11 -17.66
CA LYS B 312 23.34 13.19 -17.06
C LYS B 312 23.99 14.11 -18.08
N GLU B 313 24.69 13.54 -19.05
CA GLU B 313 25.36 14.32 -20.09
C GLU B 313 24.43 15.36 -20.71
N ALA B 314 23.26 14.91 -21.16
CA ALA B 314 22.28 15.78 -21.78
C ALA B 314 21.64 16.79 -20.82
N LEU B 315 21.34 16.34 -19.60
CA LEU B 315 20.66 17.19 -18.61
C LEU B 315 21.55 18.28 -18.02
N MET B 316 22.86 18.15 -18.22
CA MET B 316 23.83 19.12 -17.75
C MET B 316 24.18 20.21 -18.79
N ILE B 317 23.72 20.01 -20.03
CA ILE B 317 23.95 20.97 -21.12
C ILE B 317 23.63 22.42 -20.73
N PRO B 318 22.44 22.70 -20.16
CA PRO B 318 22.18 24.09 -19.79
C PRO B 318 23.23 24.65 -18.82
N ALA B 319 23.58 23.88 -17.79
CA ALA B 319 24.56 24.31 -16.79
C ALA B 319 25.92 24.64 -17.42
N LYS B 320 26.38 23.78 -18.33
CA LYS B 320 27.61 24.00 -19.07
C LYS B 320 27.56 25.23 -19.99
N ASP B 321 26.36 25.63 -20.41
CA ASP B 321 26.18 26.86 -21.20
C ASP B 321 25.89 28.05 -20.32
N GLY B 322 25.94 27.85 -19.01
CA GLY B 322 25.62 28.90 -18.03
C GLY B 322 24.18 29.37 -18.10
N VAL B 323 23.28 28.46 -18.48
CA VAL B 323 21.86 28.77 -18.60
C VAL B 323 21.05 27.92 -17.62
N LYS B 324 20.02 28.51 -17.04
CA LYS B 324 19.10 27.78 -16.18
C LYS B 324 17.85 27.34 -16.93
N LEU B 325 17.76 26.03 -17.18
CA LEU B 325 16.55 25.42 -17.71
C LEU B 325 15.84 24.75 -16.54
N PRO B 326 14.72 25.34 -16.08
CA PRO B 326 14.03 24.73 -14.96
C PRO B 326 13.52 23.33 -15.33
N TYR B 327 13.50 22.44 -14.34
CA TYR B 327 13.10 21.06 -14.56
C TYR B 327 11.92 20.70 -13.66
N PHE B 328 11.09 19.78 -14.14
CA PHE B 328 9.90 19.35 -13.43
C PHE B 328 9.75 17.83 -13.51
N PHE B 329 10.80 17.12 -13.13
CA PHE B 329 10.91 15.68 -13.38
C PHE B 329 9.86 14.77 -12.73
N HIS B 330 9.20 13.93 -13.53
CA HIS B 330 8.59 12.69 -13.05
C HIS B 330 9.69 11.90 -12.37
N ALA B 331 9.42 11.40 -11.16
CA ALA B 331 10.45 10.70 -10.40
C ALA B 331 9.90 9.81 -9.33
N GLY B 332 10.41 8.58 -9.29
CA GLY B 332 10.06 7.59 -8.27
C GLY B 332 8.63 7.11 -8.39
N GLU B 333 8.09 7.14 -9.60
CA GLU B 333 6.77 6.58 -9.88
C GLU B 333 6.90 5.05 -10.01
N THR B 334 7.20 4.39 -8.89
CA THR B 334 7.53 2.97 -8.89
C THR B 334 7.22 2.29 -7.55
N ASP B 335 7.01 0.97 -7.62
CA ASP B 335 6.87 0.11 -6.46
C ASP B 335 8.23 -0.39 -5.98
N TRP B 336 9.24 -0.30 -6.84
CA TRP B 336 10.59 -0.76 -6.47
C TRP B 336 11.23 0.18 -5.45
N GLN B 337 12.06 -0.41 -4.59
CA GLN B 337 12.76 0.30 -3.55
C GLN B 337 14.23 -0.09 -3.57
N GLY B 338 15.10 0.91 -3.49
CA GLY B 338 16.56 0.68 -3.50
C GLY B 338 17.14 0.35 -4.88
N THR B 339 16.38 0.60 -5.94
CA THR B 339 16.86 0.36 -7.31
C THR B 339 17.27 1.66 -8.00
N SER B 340 17.67 1.55 -9.26
CA SER B 340 18.07 2.71 -10.06
C SER B 340 16.88 3.63 -10.37
N ILE B 341 15.67 3.10 -10.27
CA ILE B 341 14.44 3.83 -10.61
C ILE B 341 14.01 4.82 -9.50
N ASP B 342 13.93 4.35 -8.26
CA ASP B 342 13.52 5.25 -7.16
C ASP B 342 14.58 6.27 -6.74
N ARG B 343 15.84 6.02 -7.09
CA ARG B 343 16.90 7.00 -6.91
C ARG B 343 16.75 8.21 -7.84
N ASN B 344 15.90 8.08 -8.87
CA ASN B 344 15.55 9.21 -9.73
C ASN B 344 15.06 10.43 -8.96
N ILE B 345 14.44 10.20 -7.79
CA ILE B 345 14.03 11.30 -6.93
C ILE B 345 15.26 12.05 -6.45
N LEU B 346 16.24 11.32 -5.92
CA LEU B 346 17.51 11.91 -5.51
C LEU B 346 18.15 12.70 -6.65
N ASP B 347 18.20 12.10 -7.84
CA ASP B 347 18.85 12.74 -8.99
C ASP B 347 18.07 13.94 -9.55
N ALA B 348 16.74 13.91 -9.43
CA ALA B 348 15.91 15.07 -9.75
C ALA B 348 16.29 16.26 -8.86
N LEU B 349 16.43 15.98 -7.55
CA LEU B 349 16.84 16.98 -6.58
C LEU B 349 18.26 17.52 -6.83
N MET B 350 19.19 16.63 -7.17
CA MET B 350 20.56 17.04 -7.52
C MET B 350 20.61 17.92 -8.78
N LEU B 351 19.60 17.79 -9.64
CA LEU B 351 19.50 18.61 -10.85
C LEU B 351 18.64 19.88 -10.63
N ASN B 352 18.37 20.21 -9.37
CA ASN B 352 17.59 21.40 -8.98
C ASN B 352 16.18 21.47 -9.56
N THR B 353 15.48 20.33 -9.57
CA THR B 353 14.09 20.29 -10.03
C THR B 353 13.22 21.26 -9.22
N THR B 354 12.30 21.96 -9.90
CA THR B 354 11.37 22.90 -9.25
C THR B 354 10.29 22.13 -8.53
N ARG B 355 9.74 21.11 -9.20
CA ARG B 355 8.77 20.19 -8.60
C ARG B 355 9.14 18.74 -8.94
N ILE B 356 8.66 17.80 -8.13
CA ILE B 356 8.79 16.35 -8.40
C ILE B 356 7.43 15.74 -8.80
N GLY B 357 7.37 15.15 -9.99
CA GLY B 357 6.16 14.46 -10.43
C GLY B 357 5.99 13.12 -9.75
N HIS B 358 4.89 12.98 -9.01
CA HIS B 358 4.56 11.75 -8.29
C HIS B 358 5.34 11.56 -7.00
N GLY B 359 6.66 11.37 -7.11
CA GLY B 359 7.50 11.13 -5.93
C GLY B 359 6.97 10.02 -5.04
N PHE B 360 6.34 9.02 -5.67
CA PHE B 360 5.66 7.92 -4.98
C PHE B 360 6.55 7.17 -3.99
N ALA B 361 7.82 7.01 -4.34
CA ALA B 361 8.74 6.26 -3.49
C ALA B 361 9.44 7.12 -2.42
N LEU B 362 8.99 8.37 -2.27
CA LEU B 362 9.68 9.33 -1.38
C LEU B 362 9.78 8.90 0.08
N SER B 363 8.67 8.46 0.67
CA SER B 363 8.64 8.07 2.07
C SER B 363 9.54 6.87 2.41
N LYS B 364 10.10 6.22 1.39
CA LYS B 364 11.02 5.11 1.64
C LYS B 364 12.45 5.61 1.73
N HIS B 365 12.64 6.90 1.48
CA HIS B 365 13.96 7.52 1.51
C HIS B 365 13.95 8.73 2.46
N PRO B 366 14.14 8.47 3.77
CA PRO B 366 14.04 9.51 4.79
C PRO B 366 14.95 10.72 4.57
N ALA B 367 16.18 10.48 4.11
CA ALA B 367 17.17 11.55 3.88
C ALA B 367 16.80 12.47 2.72
N VAL B 368 16.36 11.86 1.61
CA VAL B 368 15.86 12.59 0.46
C VAL B 368 14.58 13.36 0.83
N ARG B 369 13.73 12.73 1.62
CA ARG B 369 12.52 13.36 2.14
C ARG B 369 12.85 14.64 2.92
N THR B 370 13.79 14.55 3.85
CA THR B 370 14.26 15.69 4.64
C THR B 370 14.84 16.79 3.75
N TYR B 371 15.66 16.40 2.79
CA TYR B 371 16.31 17.34 1.87
C TYR B 371 15.31 18.12 1.03
N SER B 372 14.33 17.40 0.48
CA SER B 372 13.29 18.01 -0.35
C SER B 372 12.41 18.99 0.45
N TRP B 373 12.10 18.59 1.68
CA TRP B 373 11.36 19.43 2.62
C TRP B 373 12.16 20.70 2.93
N LYS B 374 13.46 20.53 3.19
CA LYS B 374 14.35 21.66 3.47
C LYS B 374 14.54 22.63 2.29
N LYS B 375 14.65 22.11 1.06
CA LYS B 375 14.72 22.98 -0.13
C LYS B 375 13.33 23.41 -0.63
N ASP B 376 12.30 23.11 0.17
CA ASP B 376 10.88 23.35 -0.18
C ASP B 376 10.48 22.92 -1.61
N ILE B 377 10.88 21.71 -2.00
CA ILE B 377 10.53 21.19 -3.32
C ILE B 377 9.36 20.20 -3.18
N PRO B 378 8.18 20.57 -3.73
CA PRO B 378 6.97 19.79 -3.55
C PRO B 378 6.87 18.55 -4.46
N ILE B 379 6.10 17.56 -4.03
CA ILE B 379 5.69 16.48 -4.93
C ILE B 379 4.30 16.74 -5.52
N GLU B 380 4.10 16.34 -6.76
CA GLU B 380 2.80 16.42 -7.42
C GLU B 380 2.12 15.06 -7.32
N VAL B 381 1.15 14.93 -6.42
CA VAL B 381 0.48 13.64 -6.20
C VAL B 381 -0.80 13.50 -7.01
N CYS B 382 -0.88 12.38 -7.73
CA CYS B 382 -1.98 12.05 -8.65
C CYS B 382 -2.57 10.70 -8.28
N PRO B 383 -3.50 10.67 -7.31
CA PRO B 383 -3.96 9.41 -6.73
C PRO B 383 -4.65 8.45 -7.71
N ILE B 384 -5.53 8.95 -8.56
CA ILE B 384 -6.26 8.08 -9.49
C ILE B 384 -5.31 7.43 -10.49
N SER B 385 -4.38 8.20 -11.02
CA SER B 385 -3.34 7.67 -11.90
C SER B 385 -2.56 6.53 -11.28
N ASN B 386 -2.11 6.70 -10.04
CA ASN B 386 -1.35 5.67 -9.32
C ASN B 386 -2.12 4.35 -9.14
N GLN B 387 -3.44 4.46 -8.94
CA GLN B 387 -4.30 3.29 -8.80
C GLN B 387 -4.53 2.60 -10.14
N VAL B 388 -4.90 3.40 -11.14
CA VAL B 388 -5.20 2.87 -12.48
C VAL B 388 -3.96 2.22 -13.07
N LEU B 389 -2.80 2.85 -12.87
CA LEU B 389 -1.53 2.31 -13.40
C LEU B 389 -0.89 1.27 -12.48
N LYS B 390 -1.64 0.89 -11.45
CA LYS B 390 -1.37 -0.31 -10.64
C LYS B 390 -0.18 -0.22 -9.67
N LEU B 391 0.20 1.00 -9.31
CA LEU B 391 1.17 1.23 -8.22
C LEU B 391 0.60 0.88 -6.84
N VAL B 392 -0.72 0.96 -6.69
CA VAL B 392 -1.37 0.70 -5.40
C VAL B 392 -2.85 0.38 -5.61
N SER B 393 -3.33 -0.68 -4.96
CA SER B 393 -4.72 -1.13 -5.09
C SER B 393 -5.69 -0.25 -4.33
N ASP B 394 -5.50 -0.21 -3.01
CA ASP B 394 -6.35 0.46 -2.05
C ASP B 394 -5.65 1.76 -1.73
N LEU B 395 -6.26 2.89 -2.08
CA LEU B 395 -5.64 4.21 -1.86
C LEU B 395 -5.47 4.60 -0.38
N ARG B 396 -6.12 3.86 0.51
CA ARG B 396 -5.82 3.96 1.94
C ARG B 396 -4.36 3.60 2.21
N ASN B 397 -3.77 2.76 1.35
CA ASN B 397 -2.37 2.38 1.46
C ASN B 397 -1.39 3.27 0.69
N HIS B 398 -1.86 4.40 0.18
CA HIS B 398 -1.00 5.27 -0.61
C HIS B 398 0.11 5.84 0.29
N PRO B 399 1.38 5.75 -0.15
CA PRO B 399 2.52 6.23 0.64
C PRO B 399 2.48 7.72 0.98
N VAL B 400 1.64 8.51 0.31
CA VAL B 400 1.56 9.93 0.59
C VAL B 400 0.84 10.22 1.91
N ALA B 401 0.07 9.24 2.40
CA ALA B 401 -0.60 9.35 3.71
C ALA B 401 0.39 9.75 4.79
N THR B 402 1.58 9.14 4.75
CA THR B 402 2.64 9.43 5.71
C THR B 402 3.16 10.86 5.55
N LEU B 403 3.20 11.33 4.30
CA LEU B 403 3.71 12.66 3.99
C LEU B 403 2.73 13.74 4.43
N MET B 404 1.44 13.46 4.27
CA MET B 404 0.40 14.37 4.74
C MET B 404 0.43 14.49 6.25
N ALA B 405 0.69 13.38 6.93
CA ALA B 405 0.75 13.33 8.38
C ALA B 405 1.87 14.21 8.98
N THR B 406 2.89 14.53 8.19
CA THR B 406 3.95 15.45 8.64
C THR B 406 3.91 16.79 7.90
N GLY B 407 2.83 17.04 7.15
CA GLY B 407 2.66 18.30 6.42
C GLY B 407 3.68 18.57 5.34
N HIS B 408 4.10 17.53 4.63
CA HIS B 408 5.09 17.65 3.55
C HIS B 408 4.60 18.54 2.39
N PRO B 409 5.52 19.31 1.77
CA PRO B 409 5.08 20.16 0.64
C PRO B 409 4.61 19.32 -0.55
N MET B 410 3.37 19.55 -0.96
CA MET B 410 2.76 18.77 -2.03
C MET B 410 1.60 19.51 -2.68
N VAL B 411 1.33 19.18 -3.94
CA VAL B 411 0.14 19.64 -4.63
C VAL B 411 -0.59 18.43 -5.21
N ILE B 412 -1.90 18.56 -5.40
CA ILE B 412 -2.71 17.49 -5.97
C ILE B 412 -3.03 17.81 -7.43
N SER B 413 -2.92 16.82 -8.30
CA SER B 413 -3.36 17.00 -9.68
C SER B 413 -3.99 15.71 -10.23
N SER B 414 -4.41 15.74 -11.48
CA SER B 414 -5.19 14.63 -12.06
C SER B 414 -4.48 13.89 -13.18
N ASP B 415 -3.44 14.49 -13.72
CA ASP B 415 -2.52 13.77 -14.61
C ASP B 415 -3.09 13.55 -16.04
N ASP B 416 -3.97 12.56 -16.18
CA ASP B 416 -4.65 12.30 -17.46
C ASP B 416 -6.09 11.91 -17.16
N PRO B 417 -6.86 12.80 -16.51
CA PRO B 417 -8.22 12.47 -16.03
C PRO B 417 -9.07 11.78 -17.09
N ALA B 418 -9.03 12.26 -18.33
CA ALA B 418 -9.84 11.71 -19.42
C ALA B 418 -9.61 10.23 -19.68
N MET B 419 -8.37 9.77 -19.51
CA MET B 419 -8.04 8.35 -19.74
C MET B 419 -8.58 7.43 -18.68
N PHE B 420 -8.86 8.01 -17.50
CA PHE B 420 -9.31 7.25 -16.34
C PHE B 420 -10.82 7.41 -16.12
N GLY B 421 -11.45 8.25 -16.93
CA GLY B 421 -12.87 8.51 -16.81
C GLY B 421 -13.15 9.56 -15.77
N ALA B 422 -12.14 10.37 -15.46
CA ALA B 422 -12.31 11.49 -14.55
C ALA B 422 -12.42 12.81 -15.31
N LYS B 423 -12.65 13.88 -14.57
CA LYS B 423 -12.81 15.19 -15.15
C LYS B 423 -12.23 16.23 -14.19
N GLY B 424 -11.35 17.10 -14.71
CA GLY B 424 -10.82 18.20 -13.93
C GLY B 424 -9.97 17.71 -12.78
N LEU B 425 -10.30 18.15 -11.57
CA LEU B 425 -9.46 17.95 -10.40
C LEU B 425 -10.20 17.37 -9.18
N SER B 426 -11.53 17.33 -9.23
CA SER B 426 -12.34 17.06 -8.02
C SER B 426 -12.29 15.61 -7.58
N TYR B 427 -12.21 14.70 -8.54
CA TYR B 427 -12.11 13.28 -8.24
C TYR B 427 -10.83 12.97 -7.48
N ASP B 428 -9.72 13.58 -7.90
CA ASP B 428 -8.44 13.39 -7.21
C ASP B 428 -8.42 14.04 -5.82
N PHE B 429 -9.08 15.18 -5.68
CA PHE B 429 -9.28 15.81 -4.36
C PHE B 429 -10.13 14.94 -3.44
N TYR B 430 -11.09 14.21 -4.00
CA TYR B 430 -11.89 13.28 -3.22
C TYR B 430 -11.03 12.16 -2.63
N GLU B 431 -10.22 11.54 -3.49
CA GLU B 431 -9.35 10.43 -3.10
C GLU B 431 -8.36 10.86 -2.01
N VAL B 432 -7.78 12.04 -2.19
CA VAL B 432 -6.84 12.55 -1.20
C VAL B 432 -7.56 12.78 0.13
N PHE B 433 -8.65 13.52 0.08
CA PHE B 433 -9.39 13.96 1.26
C PHE B 433 -10.08 12.81 2.01
N MET B 434 -10.61 11.84 1.27
CA MET B 434 -11.33 10.73 1.91
C MET B 434 -10.46 9.49 2.13
N GLY B 435 -9.56 9.21 1.19
CA GLY B 435 -8.74 8.00 1.23
C GLY B 435 -7.37 8.16 1.85
N ILE B 436 -6.57 9.06 1.30
CA ILE B 436 -5.17 9.18 1.67
C ILE B 436 -5.00 9.97 2.98
N GLY B 437 -5.81 10.99 3.16
CA GLY B 437 -5.68 11.88 4.32
C GLY B 437 -6.27 11.32 5.59
N GLY B 438 -7.10 10.29 5.48
CA GLY B 438 -7.75 9.69 6.63
C GLY B 438 -8.89 10.53 7.14
N MET B 439 -9.48 10.09 8.26
CA MET B 439 -10.72 10.68 8.77
C MET B 439 -10.53 12.09 9.35
N LYS B 440 -9.31 12.41 9.76
CA LYS B 440 -9.03 13.69 10.41
C LYS B 440 -8.61 14.80 9.43
N ALA B 441 -8.47 14.48 8.14
CA ALA B 441 -8.25 15.50 7.13
C ALA B 441 -9.49 16.38 7.06
N ASP B 442 -9.29 17.69 7.21
CA ASP B 442 -10.41 18.64 7.33
C ASP B 442 -10.34 19.79 6.31
N LEU B 443 -11.08 20.86 6.59
CA LEU B 443 -11.12 22.04 5.71
C LEU B 443 -9.76 22.70 5.59
N ARG B 444 -8.95 22.59 6.64
CA ARG B 444 -7.58 23.12 6.64
C ARG B 444 -6.68 22.40 5.63
N THR B 445 -6.77 21.06 5.61
CA THR B 445 -6.06 20.24 4.63
C THR B 445 -6.35 20.73 3.21
N LEU B 446 -7.65 20.88 2.91
CA LEU B 446 -8.12 21.31 1.62
C LEU B 446 -7.57 22.69 1.28
N LYS B 447 -7.72 23.61 2.22
CA LYS B 447 -7.30 24.99 2.02
C LYS B 447 -5.81 25.03 1.73
N GLN B 448 -5.03 24.36 2.56
CA GLN B 448 -3.57 24.27 2.37
C GLN B 448 -3.18 23.74 0.98
N LEU B 449 -3.88 22.70 0.52
CA LEU B 449 -3.61 22.11 -0.78
C LEU B 449 -3.96 23.04 -1.93
N ALA B 450 -5.04 23.81 -1.77
CA ALA B 450 -5.42 24.85 -2.72
C ALA B 450 -4.35 25.95 -2.81
N MET B 451 -3.91 26.44 -1.66
CA MET B 451 -2.91 27.52 -1.61
C MET B 451 -1.53 27.06 -2.11
N ASN B 452 -1.13 25.86 -1.71
CA ASN B 452 0.10 25.24 -2.22
C ASN B 452 0.19 25.27 -3.74
N SER B 453 -0.92 25.01 -4.41
CA SER B 453 -0.94 24.95 -5.87
C SER B 453 -0.71 26.32 -6.53
N ILE B 454 -0.92 27.39 -5.77
CA ILE B 454 -0.58 28.75 -6.21
C ILE B 454 0.87 29.05 -5.83
N LYS B 455 1.24 28.68 -4.61
CA LYS B 455 2.60 28.90 -4.13
C LYS B 455 3.65 28.18 -4.99
N TYR B 456 3.39 26.93 -5.35
CA TYR B 456 4.40 26.15 -6.09
C TYR B 456 4.25 26.21 -7.61
N SER B 457 3.38 27.10 -8.10
CA SER B 457 3.28 27.33 -9.55
C SER B 457 4.50 28.13 -10.01
N THR B 458 4.67 28.24 -11.33
CA THR B 458 5.85 28.94 -11.87
C THR B 458 5.55 30.41 -12.23
N LEU B 459 4.39 30.90 -11.79
CA LEU B 459 4.05 32.31 -11.97
C LEU B 459 5.02 33.24 -11.24
N LEU B 460 5.08 34.49 -11.70
CA LEU B 460 5.82 35.55 -11.00
C LEU B 460 5.15 35.82 -9.65
N GLU B 461 5.94 36.28 -8.68
CA GLU B 461 5.42 36.53 -7.34
C GLU B 461 4.24 37.52 -7.31
N SER B 462 4.27 38.53 -8.17
CA SER B 462 3.17 39.49 -8.29
C SER B 462 1.94 38.87 -8.94
N GLU B 463 2.15 37.93 -9.85
CA GLU B 463 1.06 37.16 -10.46
C GLU B 463 0.46 36.20 -9.44
N LYS B 464 1.30 35.68 -8.55
CA LYS B 464 0.83 34.82 -7.46
C LYS B 464 -0.12 35.57 -6.52
N ASN B 465 0.22 36.82 -6.20
CA ASN B 465 -0.63 37.69 -5.37
C ASN B 465 -2.00 37.90 -5.97
N THR B 466 -2.02 38.25 -7.26
CA THR B 466 -3.26 38.47 -8.00
C THR B 466 -4.11 37.21 -8.00
N PHE B 467 -3.44 36.06 -8.16
CA PHE B 467 -4.08 34.75 -8.15
C PHE B 467 -4.67 34.49 -6.77
N MET B 468 -3.88 34.77 -5.73
CA MET B 468 -4.35 34.59 -4.36
C MET B 468 -5.59 35.44 -4.07
N GLU B 469 -5.55 36.69 -4.54
CA GLU B 469 -6.65 37.65 -4.42
C GLU B 469 -7.93 37.09 -5.02
N ILE B 470 -7.85 36.63 -6.26
CA ILE B 470 -8.97 36.05 -6.99
C ILE B 470 -9.50 34.80 -6.29
N TRP B 471 -8.57 33.91 -5.89
CA TRP B 471 -8.92 32.68 -5.21
C TRP B 471 -9.59 32.90 -3.83
N LYS B 472 -9.06 33.85 -3.05
CA LYS B 472 -9.62 34.16 -1.73
C LYS B 472 -11.10 34.53 -1.81
N LYS B 473 -11.47 35.31 -2.82
CA LYS B 473 -12.86 35.73 -3.01
C LYS B 473 -13.76 34.57 -3.41
N ARG B 474 -13.25 33.67 -4.27
CA ARG B 474 -13.98 32.44 -4.59
C ARG B 474 -14.09 31.52 -3.38
N TRP B 475 -13.07 31.57 -2.52
CA TRP B 475 -13.04 30.79 -1.29
C TRP B 475 -14.13 31.23 -0.29
N ASP B 476 -14.19 32.53 -0.01
CA ASP B 476 -15.23 33.09 0.84
C ASP B 476 -16.66 32.71 0.39
N LYS B 477 -16.90 32.83 -0.91
CA LYS B 477 -18.18 32.45 -1.52
C LYS B 477 -18.49 30.98 -1.28
N PHE B 478 -17.48 30.14 -1.41
CA PHE B 478 -17.58 28.71 -1.18
C PHE B 478 -17.91 28.44 0.30
N ILE B 479 -17.15 29.08 1.19
CA ILE B 479 -17.38 28.97 2.65
C ILE B 479 -18.83 29.27 3.04
N ALA B 480 -19.34 30.40 2.55
CA ALA B 480 -20.70 30.87 2.82
C ALA B 480 -21.76 29.88 2.33
N ASP B 481 -21.54 29.31 1.15
CA ASP B 481 -22.43 28.26 0.62
C ASP B 481 -22.50 27.03 1.52
N VAL B 482 -21.34 26.47 1.86
CA VAL B 482 -21.26 25.25 2.65
C VAL B 482 -21.80 25.48 4.07
N ALA B 483 -21.51 26.67 4.61
CA ALA B 483 -22.05 27.07 5.92
C ALA B 483 -23.59 27.15 5.91
N THR B 484 -24.20 27.29 4.73
CA THR B 484 -25.65 27.15 4.59
C THR B 484 -26.02 26.13 3.50
#